data_9EKE
#
_entry.id   9EKE
#
_cell.length_a   117.810
_cell.length_b   117.810
_cell.length_c   195.586
_cell.angle_alpha   90.00
_cell.angle_beta   90.00
_cell.angle_gamma   120.00
#
_symmetry.space_group_name_H-M   'P 32 2 1'
#
loop_
_entity.id
_entity.type
_entity.pdbx_description
1 polymer 'Salivary anti-complement protein'
2 polymer 'Complement C1r subcomponent'
#
loop_
_entity_poly.entity_id
_entity_poly.type
_entity_poly.pdbx_seq_one_letter_code
_entity_poly.pdbx_strand_id
1 'polypeptide(L)'
;SEDCENIFHDNAYLLKLDCEAGRVDPVEFDDISDEEIYEITVDVGVSSEDQEKVAKIIRECIAQVSTQDCTKFSEIYDCY
MKKKICNYYPENMGSGHHHHHHHH
;
A,B
2 'polypeptide(L)'
;KCPQPKTLDEFTIIQNLQPQYQFRDYFIATCKQGYQLIEGNQVLHSFTAVCQDDGTWHRAMPRCKIKDCGQPRNLPNGDF
RYTTTMGVNTYKARIQYYCHEPYYKMQTRAGSRESEQGVYTCTAQGIWKNEQKGEKIPRCLPVCGKPVNPVEQRQRIIGG
QKAKMGNFPWQVFTNIHGRGGGALLGDRWILTAAHTLYPKEHEAQSNASLDVFLGHTNVEELMKLGNHPIRRVSVHPDYR
QDESYNFEGDIALLELENSVTLGPNLLPICLPDNDTFYDLGLMGYVSGFGVMEEKIAHDLRFVRLPVANPQACENWLRGK
NRMDVFSQNMFCAGHPSLKQDACQGDAGGVFAVRDPNTDRWVATGIVSWGIGCSRGYGFYTKVLNYVDWIKKEMEEEDGS
GHHHHHHHH
;
C,D
#
# COMPACT_ATOMS: atom_id res chain seq x y z
N GLU A 2 -25.30 -12.90 -34.63
CA GLU A 2 -24.58 -13.91 -35.38
C GLU A 2 -23.21 -14.19 -34.78
N ASP A 3 -22.70 -13.22 -34.02
CA ASP A 3 -21.42 -13.41 -33.35
C ASP A 3 -21.52 -14.52 -32.30
N CYS A 4 -22.50 -14.41 -31.41
CA CYS A 4 -22.68 -15.41 -30.35
C CYS A 4 -22.83 -16.82 -30.93
N GLU A 5 -23.67 -16.95 -31.96
CA GLU A 5 -23.95 -18.27 -32.53
C GLU A 5 -22.67 -18.91 -33.08
N ASN A 6 -21.93 -18.15 -33.90
CA ASN A 6 -20.72 -18.68 -34.50
C ASN A 6 -19.66 -18.97 -33.45
N ILE A 7 -19.56 -18.11 -32.43
CA ILE A 7 -18.56 -18.31 -31.38
C ILE A 7 -18.86 -19.59 -30.62
N PHE A 8 -20.13 -19.82 -30.28
CA PHE A 8 -20.46 -21.04 -29.53
C PHE A 8 -20.26 -22.28 -30.40
N HIS A 9 -20.60 -22.19 -31.69
CA HIS A 9 -20.30 -23.28 -32.62
C HIS A 9 -18.81 -23.60 -32.60
N ASP A 10 -17.97 -22.56 -32.67
CA ASP A 10 -16.53 -22.77 -32.74
C ASP A 10 -16.00 -23.35 -31.44
N ASN A 11 -16.51 -22.89 -30.30
CA ASN A 11 -16.07 -23.46 -29.01
C ASN A 11 -16.46 -24.92 -28.90
N ALA A 12 -17.70 -25.26 -29.26
CA ALA A 12 -18.14 -26.65 -29.20
C ALA A 12 -17.32 -27.53 -30.14
N TYR A 13 -16.96 -27.01 -31.31
CA TYR A 13 -16.22 -27.82 -32.28
C TYR A 13 -14.74 -27.94 -31.89
N LEU A 14 -14.17 -26.93 -31.24
CA LEU A 14 -12.85 -27.09 -30.65
C LEU A 14 -12.88 -28.14 -29.54
N LEU A 15 -13.95 -28.15 -28.74
CA LEU A 15 -14.10 -29.20 -27.74
C LEU A 15 -14.21 -30.58 -28.38
N LYS A 16 -14.90 -30.67 -29.53
CA LYS A 16 -14.98 -31.97 -30.20
C LYS A 16 -13.62 -32.39 -30.72
N LEU A 17 -12.81 -31.44 -31.20
CA LEU A 17 -11.45 -31.78 -31.62
C LEU A 17 -10.61 -32.28 -30.44
N ASP A 18 -10.70 -31.59 -29.29
CA ASP A 18 -9.99 -32.05 -28.10
C ASP A 18 -10.47 -33.43 -27.67
N CYS A 19 -11.77 -33.71 -27.82
CA CYS A 19 -12.29 -35.04 -27.54
C CYS A 19 -11.71 -36.08 -28.48
N GLU A 20 -11.65 -35.76 -29.77
CA GLU A 20 -11.11 -36.69 -30.76
C GLU A 20 -9.62 -36.96 -30.50
N ALA A 21 -8.90 -35.98 -29.96
CA ALA A 21 -7.50 -36.20 -29.64
C ALA A 21 -7.28 -36.85 -28.29
N GLY A 22 -8.32 -36.98 -27.46
CA GLY A 22 -8.17 -37.58 -26.15
C GLY A 22 -7.71 -36.62 -25.08
N ARG A 23 -7.85 -35.31 -25.31
CA ARG A 23 -7.41 -34.31 -24.35
C ARG A 23 -8.50 -33.87 -23.38
N VAL A 24 -9.76 -34.16 -23.70
CA VAL A 24 -10.89 -33.79 -22.84
C VAL A 24 -11.85 -34.97 -22.75
N ASP A 25 -12.29 -35.30 -21.55
CA ASP A 25 -13.28 -36.35 -21.38
C ASP A 25 -14.68 -35.79 -21.59
N PRO A 26 -15.53 -36.47 -22.37
CA PRO A 26 -16.87 -35.93 -22.62
C PRO A 26 -17.74 -35.82 -21.37
N VAL A 27 -17.64 -36.80 -20.47
CA VAL A 27 -18.48 -36.80 -19.27
C VAL A 27 -18.13 -35.62 -18.38
N GLU A 28 -16.89 -35.13 -18.47
CA GLU A 28 -16.47 -33.99 -17.65
C GLU A 28 -17.21 -32.71 -18.03
N PHE A 29 -17.58 -32.55 -19.31
CA PHE A 29 -18.28 -31.35 -19.73
C PHE A 29 -19.65 -31.22 -19.07
N ASP A 30 -20.24 -32.33 -18.62
CA ASP A 30 -21.55 -32.30 -17.98
C ASP A 30 -21.52 -31.72 -16.58
N ASP A 31 -20.34 -31.42 -16.04
CA ASP A 31 -20.20 -30.91 -14.68
C ASP A 31 -19.86 -29.43 -14.72
N ILE A 32 -20.79 -28.60 -14.26
CA ILE A 32 -20.56 -27.17 -14.06
C ILE A 32 -21.44 -26.73 -12.90
N SER A 33 -20.87 -25.90 -12.02
CA SER A 33 -21.61 -25.44 -10.86
C SER A 33 -22.37 -24.16 -11.17
N ASP A 34 -23.34 -23.85 -10.32
CA ASP A 34 -24.07 -22.59 -10.47
C ASP A 34 -23.14 -21.39 -10.31
N GLU A 35 -22.11 -21.53 -9.49
CA GLU A 35 -21.09 -20.49 -9.37
C GLU A 35 -20.35 -20.30 -10.68
N GLU A 36 -19.95 -21.40 -11.32
CA GLU A 36 -19.22 -21.31 -12.57
C GLU A 36 -20.10 -20.74 -13.68
N ILE A 37 -21.38 -21.12 -13.69
CA ILE A 37 -22.31 -20.54 -14.66
C ILE A 37 -22.46 -19.04 -14.41
N TYR A 38 -22.61 -18.64 -13.16
CA TYR A 38 -22.60 -17.22 -12.82
C TYR A 38 -21.38 -16.51 -13.40
N GLU A 39 -20.20 -17.07 -13.15
CA GLU A 39 -18.97 -16.42 -13.59
C GLU A 39 -18.92 -16.29 -15.11
N ILE A 40 -19.20 -17.39 -15.82
CA ILE A 40 -19.11 -17.37 -17.28
C ILE A 40 -20.14 -16.43 -17.87
N THR A 41 -21.34 -16.37 -17.29
CA THR A 41 -22.39 -15.51 -17.83
C THR A 41 -22.14 -14.04 -17.52
N VAL A 42 -21.55 -13.73 -16.35
CA VAL A 42 -21.34 -12.33 -16.02
C VAL A 42 -20.10 -11.78 -16.71
N ASP A 43 -19.10 -12.63 -16.98
CA ASP A 43 -17.89 -12.15 -17.65
C ASP A 43 -18.18 -11.81 -19.10
N VAL A 44 -18.90 -12.69 -19.81
CA VAL A 44 -19.24 -12.41 -21.21
C VAL A 44 -20.28 -11.30 -21.31
N GLY A 45 -21.02 -11.04 -20.24
CA GLY A 45 -21.94 -9.91 -20.21
C GLY A 45 -23.39 -10.28 -20.49
N VAL A 46 -24.00 -11.05 -19.62
CA VAL A 46 -25.42 -11.35 -19.70
C VAL A 46 -26.14 -10.44 -18.72
N SER A 47 -27.43 -10.26 -18.93
CA SER A 47 -28.26 -9.59 -17.94
C SER A 47 -28.30 -10.41 -16.66
N SER A 48 -28.13 -9.74 -15.52
CA SER A 48 -28.21 -10.45 -14.24
C SER A 48 -29.57 -11.10 -14.04
N GLU A 49 -30.61 -10.55 -14.67
CA GLU A 49 -31.93 -11.18 -14.63
C GLU A 49 -31.98 -12.41 -15.52
N ASP A 50 -31.25 -12.39 -16.63
CA ASP A 50 -31.19 -13.50 -17.57
C ASP A 50 -30.23 -14.60 -17.14
N GLN A 51 -29.54 -14.41 -16.02
CA GLN A 51 -28.58 -15.41 -15.54
C GLN A 51 -29.27 -16.75 -15.28
N GLU A 52 -30.32 -16.75 -14.46
CA GLU A 52 -31.00 -18.00 -14.13
C GLU A 52 -31.65 -18.63 -15.36
N LYS A 53 -32.08 -17.81 -16.31
CA LYS A 53 -32.68 -18.36 -17.53
C LYS A 53 -31.62 -19.06 -18.39
N VAL A 54 -30.46 -18.43 -18.53
CA VAL A 54 -29.35 -19.08 -19.23
C VAL A 54 -28.93 -20.35 -18.51
N ALA A 55 -28.96 -20.33 -17.17
CA ALA A 55 -28.60 -21.52 -16.40
C ALA A 55 -29.61 -22.64 -16.62
N LYS A 56 -30.90 -22.30 -16.67
CA LYS A 56 -31.93 -23.28 -17.00
C LYS A 56 -31.67 -23.90 -18.36
N ILE A 57 -31.34 -23.05 -19.35
CA ILE A 57 -31.04 -23.55 -20.69
C ILE A 57 -29.85 -24.50 -20.65
N ILE A 58 -28.79 -24.12 -19.93
CA ILE A 58 -27.58 -24.94 -19.86
C ILE A 58 -27.91 -26.31 -19.25
N ARG A 59 -28.62 -26.31 -18.12
CA ARG A 59 -28.94 -27.58 -17.47
C ARG A 59 -29.82 -28.45 -18.35
N GLU A 60 -30.85 -27.85 -18.97
CA GLU A 60 -31.76 -28.62 -19.81
C GLU A 60 -31.03 -29.21 -21.02
N CYS A 61 -30.06 -28.48 -21.57
CA CYS A 61 -29.34 -28.99 -22.73
C CYS A 61 -28.30 -30.03 -22.36
N ILE A 62 -27.67 -29.89 -21.19
CA ILE A 62 -26.77 -30.94 -20.72
C ILE A 62 -27.56 -32.21 -20.42
N ALA A 63 -28.80 -32.06 -19.98
CA ALA A 63 -29.62 -33.23 -19.67
C ALA A 63 -30.20 -33.88 -20.93
N GLN A 64 -30.61 -33.06 -21.90
CA GLN A 64 -31.27 -33.59 -23.10
C GLN A 64 -30.37 -34.54 -23.86
N VAL A 65 -29.07 -34.24 -23.92
CA VAL A 65 -28.12 -35.10 -24.60
C VAL A 65 -27.83 -36.32 -23.73
N SER A 66 -27.88 -37.50 -24.35
CA SER A 66 -27.48 -38.72 -23.68
C SER A 66 -26.27 -39.37 -24.33
N THR A 67 -25.94 -38.99 -25.57
CA THR A 67 -24.75 -39.49 -26.25
C THR A 67 -23.52 -38.89 -25.58
N GLN A 68 -22.72 -39.73 -24.92
CA GLN A 68 -21.50 -39.29 -24.26
C GLN A 68 -20.27 -39.44 -25.16
N ASP A 69 -20.44 -39.35 -26.47
CA ASP A 69 -19.33 -39.42 -27.40
C ASP A 69 -18.84 -38.00 -27.71
N CYS A 70 -17.95 -37.88 -28.70
CA CYS A 70 -17.41 -36.57 -29.05
C CYS A 70 -18.41 -35.68 -29.77
N THR A 71 -19.53 -36.23 -30.24
CA THR A 71 -20.51 -35.45 -30.97
C THR A 71 -21.44 -34.65 -30.05
N LYS A 72 -21.45 -34.96 -28.75
CA LYS A 72 -22.36 -34.27 -27.83
C LYS A 72 -22.16 -32.77 -27.88
N PHE A 73 -20.92 -32.32 -28.03
CA PHE A 73 -20.64 -30.88 -28.08
C PHE A 73 -21.40 -30.21 -29.20
N SER A 74 -21.58 -30.91 -30.32
CA SER A 74 -22.46 -30.40 -31.36
C SER A 74 -23.90 -30.33 -30.88
N GLU A 75 -24.42 -31.47 -30.40
CA GLU A 75 -25.83 -31.56 -30.06
C GLU A 75 -26.22 -30.51 -29.02
N ILE A 76 -25.45 -30.46 -27.91
CA ILE A 76 -25.69 -29.44 -26.89
C ILE A 76 -25.74 -28.05 -27.52
N TYR A 77 -24.76 -27.75 -28.38
CA TYR A 77 -24.76 -26.47 -29.09
C TYR A 77 -26.10 -26.24 -29.79
N ASP A 78 -26.55 -27.21 -30.58
CA ASP A 78 -27.83 -27.08 -31.26
C ASP A 78 -28.94 -26.78 -30.25
N CYS A 79 -28.93 -27.49 -29.13
CA CYS A 79 -29.91 -27.22 -28.08
C CYS A 79 -29.80 -25.76 -27.61
N TYR A 80 -28.58 -25.31 -27.33
CA TYR A 80 -28.36 -23.93 -26.96
C TYR A 80 -28.93 -22.97 -28.01
N MET A 81 -28.87 -23.36 -29.28
CA MET A 81 -29.42 -22.50 -30.32
C MET A 81 -30.93 -22.64 -30.42
N LYS A 82 -31.47 -23.82 -30.11
CA LYS A 82 -32.92 -24.00 -30.17
C LYS A 82 -33.63 -23.38 -28.99
N LYS A 83 -32.97 -23.34 -27.83
CA LYS A 83 -33.49 -22.63 -26.67
C LYS A 83 -33.26 -21.12 -26.76
N LYS A 84 -32.56 -20.66 -27.79
CA LYS A 84 -32.28 -19.24 -28.01
C LYS A 84 -31.49 -18.64 -26.85
N ILE A 85 -30.28 -19.15 -26.65
CA ILE A 85 -29.43 -18.64 -25.59
C ILE A 85 -28.74 -17.35 -26.02
N CYS A 86 -28.45 -17.19 -27.31
CA CYS A 86 -27.73 -16.01 -27.78
C CYS A 86 -28.60 -14.76 -27.78
N ASN A 87 -29.92 -14.89 -27.67
CA ASN A 87 -30.75 -13.72 -27.44
C ASN A 87 -30.50 -13.14 -26.05
N TYR A 88 -29.95 -13.93 -25.13
CA TYR A 88 -29.60 -13.45 -23.81
C TYR A 88 -28.20 -12.82 -23.77
N TYR A 89 -27.39 -13.05 -24.79
CA TYR A 89 -26.01 -12.58 -24.91
C TYR A 89 -25.89 -11.48 -25.96
N PRO A 90 -24.91 -10.57 -25.80
CA PRO A 90 -24.71 -9.47 -26.76
C PRO A 90 -24.24 -9.96 -28.13
N LYS B 1 63.71 8.61 27.57
CA LYS B 1 62.65 7.65 27.89
C LYS B 1 61.28 8.25 27.64
N CYS B 2 60.34 7.41 27.20
CA CYS B 2 58.95 7.79 27.03
C CYS B 2 58.08 6.58 27.31
N PRO B 3 56.84 6.79 27.77
CA PRO B 3 56.06 5.69 28.37
C PRO B 3 55.83 4.53 27.41
N GLN B 4 55.55 3.38 28.00
CA GLN B 4 55.23 2.17 27.25
C GLN B 4 53.91 2.38 26.51
N PRO B 5 53.86 2.25 25.19
CA PRO B 5 52.62 2.51 24.45
C PRO B 5 51.55 1.48 24.79
N LYS B 6 50.45 1.96 25.38
CA LYS B 6 49.31 1.13 25.72
C LYS B 6 48.17 1.41 24.76
N THR B 7 47.52 0.35 24.30
CA THR B 7 46.40 0.50 23.40
C THR B 7 45.18 1.05 24.12
N LEU B 8 44.38 1.84 23.40
CA LEU B 8 43.14 2.37 23.97
C LEU B 8 42.08 1.28 24.09
N ASP B 9 41.88 0.52 23.01
CA ASP B 9 40.93 -0.59 23.03
C ASP B 9 41.62 -1.93 23.18
N GLU B 10 41.06 -2.96 22.55
CA GLU B 10 41.65 -4.28 22.55
C GLU B 10 42.06 -4.78 21.17
N PHE B 11 41.46 -4.26 20.10
CA PHE B 11 41.73 -4.75 18.76
C PHE B 11 43.02 -4.21 18.16
N THR B 12 43.76 -3.38 18.88
CA THR B 12 44.99 -2.79 18.38
C THR B 12 46.17 -3.71 18.66
N ILE B 13 47.03 -3.88 17.66
CA ILE B 13 48.22 -4.72 17.76
C ILE B 13 49.45 -3.81 17.67
N ILE B 14 50.26 -3.81 18.73
CA ILE B 14 51.53 -3.10 18.73
C ILE B 14 52.58 -4.04 18.17
N GLN B 15 53.04 -3.77 16.95
CA GLN B 15 54.04 -4.62 16.31
C GLN B 15 55.36 -4.52 17.06
N ASN B 16 55.82 -5.66 17.58
CA ASN B 16 57.09 -5.76 18.30
C ASN B 16 57.13 -4.79 19.48
N LEU B 17 56.48 -5.17 20.58
CA LEU B 17 56.42 -4.33 21.78
C LEU B 17 57.76 -4.38 22.49
N GLN B 18 58.56 -3.34 22.30
CA GLN B 18 59.90 -3.21 22.87
C GLN B 18 59.79 -2.85 24.35
N PRO B 19 60.66 -3.41 25.20
CA PRO B 19 60.52 -3.18 26.66
C PRO B 19 60.55 -1.71 27.05
N GLN B 20 61.38 -0.90 26.41
CA GLN B 20 61.34 0.54 26.64
C GLN B 20 61.78 1.25 25.36
N TYR B 21 61.25 2.44 25.16
CA TYR B 21 61.49 3.23 23.96
C TYR B 21 62.26 4.49 24.33
N GLN B 22 63.43 4.67 23.71
CA GLN B 22 64.27 5.84 23.92
C GLN B 22 64.04 6.85 22.80
N PHE B 23 64.77 7.95 22.85
CA PHE B 23 64.68 8.98 21.82
C PHE B 23 65.22 8.45 20.49
N ARG B 24 64.65 8.97 19.40
CA ARG B 24 64.78 8.48 18.02
C ARG B 24 63.92 7.25 17.75
N ASP B 25 63.65 6.46 18.79
CA ASP B 25 62.95 5.19 18.60
C ASP B 25 61.47 5.44 18.29
N TYR B 26 60.78 4.37 17.87
CA TYR B 26 59.40 4.50 17.42
C TYR B 26 58.67 3.18 17.63
N PHE B 27 57.39 3.17 17.28
CA PHE B 27 56.62 1.94 17.16
C PHE B 27 55.53 2.17 16.12
N ILE B 28 54.86 1.08 15.72
CA ILE B 28 53.75 1.15 14.79
C ILE B 28 52.57 0.41 15.40
N ALA B 29 51.37 0.71 14.88
CA ALA B 29 50.14 0.14 15.39
C ALA B 29 49.29 -0.37 14.24
N THR B 30 48.96 -1.67 14.30
CA THR B 30 48.07 -2.30 13.34
C THR B 30 46.88 -2.91 14.07
N CYS B 31 45.90 -3.38 13.30
CA CYS B 31 44.66 -3.92 13.83
C CYS B 31 44.58 -5.41 13.56
N LYS B 32 43.48 -6.03 13.98
CA LYS B 32 43.21 -7.42 13.68
C LYS B 32 42.37 -7.52 12.42
N GLN B 33 41.92 -8.74 12.10
CA GLN B 33 41.15 -8.94 10.87
C GLN B 33 39.77 -8.30 11.00
N GLY B 34 39.39 -7.52 9.98
CA GLY B 34 38.12 -6.84 10.00
C GLY B 34 38.10 -5.55 10.79
N TYR B 35 39.26 -4.93 11.02
CA TYR B 35 39.36 -3.72 11.81
C TYR B 35 40.35 -2.77 11.16
N GLN B 36 40.16 -1.47 11.40
CA GLN B 36 40.92 -0.44 10.73
C GLN B 36 41.30 0.66 11.73
N LEU B 37 42.39 1.36 11.41
CA LEU B 37 42.82 2.48 12.23
C LEU B 37 41.90 3.68 12.01
N ILE B 38 41.65 4.43 13.08
CA ILE B 38 40.66 5.50 13.04
C ILE B 38 41.28 6.85 13.39
N GLU B 39 41.68 7.02 14.65
CA GLU B 39 42.08 8.31 15.20
C GLU B 39 40.97 9.34 15.00
N GLY B 40 40.05 9.41 15.96
CA GLY B 40 38.94 10.34 15.88
C GLY B 40 37.83 9.86 14.98
N ASN B 41 37.69 10.48 13.80
CA ASN B 41 36.71 10.07 12.82
C ASN B 41 37.29 9.76 11.45
N GLN B 42 38.60 9.95 11.27
CA GLN B 42 39.24 9.63 10.01
C GLN B 42 39.51 8.14 9.90
N VAL B 43 40.11 7.73 8.79
CA VAL B 43 40.48 6.34 8.54
C VAL B 43 41.95 6.33 8.13
N LEU B 44 42.79 5.76 8.97
CA LEU B 44 44.23 5.71 8.71
C LEU B 44 44.60 4.40 8.02
N HIS B 45 45.53 4.48 7.08
CA HIS B 45 46.09 3.29 6.46
C HIS B 45 47.26 2.72 7.24
N SER B 46 47.84 3.49 8.14
CA SER B 46 48.99 3.08 8.94
C SER B 46 49.22 4.11 10.04
N PHE B 47 49.75 3.66 11.17
CA PHE B 47 50.05 4.53 12.29
C PHE B 47 51.48 4.31 12.76
N THR B 48 52.21 5.41 12.96
CA THR B 48 53.53 5.39 13.55
C THR B 48 53.64 6.52 14.56
N ALA B 49 54.34 6.25 15.66
CA ALA B 49 54.57 7.26 16.70
C ALA B 49 56.03 7.21 17.10
N VAL B 50 56.68 8.38 17.11
CA VAL B 50 58.09 8.48 17.47
C VAL B 50 58.20 9.00 18.89
N CYS B 51 59.31 8.65 19.55
CA CYS B 51 59.57 9.08 20.92
C CYS B 51 60.25 10.44 20.84
N GLN B 52 59.44 11.50 20.94
CA GLN B 52 59.89 12.86 20.61
C GLN B 52 60.51 13.50 21.84
N ASP B 53 61.83 13.34 21.97
CA ASP B 53 62.64 13.96 23.02
C ASP B 53 62.12 13.63 24.41
N ASP B 54 61.19 14.43 24.93
CA ASP B 54 60.63 14.18 26.24
C ASP B 54 59.73 12.93 26.19
N GLY B 55 59.20 12.56 27.35
CA GLY B 55 58.38 11.37 27.46
C GLY B 55 57.04 11.48 26.74
N THR B 56 57.05 11.80 25.46
CA THR B 56 55.83 11.98 24.69
C THR B 56 55.98 11.32 23.33
N TRP B 57 54.86 10.86 22.79
CA TRP B 57 54.76 10.41 21.41
C TRP B 57 54.15 11.53 20.58
N HIS B 58 54.64 11.71 19.35
CA HIS B 58 54.22 12.88 18.59
C HIS B 58 52.76 12.82 18.18
N ARG B 59 52.11 11.66 18.31
CA ARG B 59 50.70 11.52 17.98
C ARG B 59 50.10 10.42 18.84
N ALA B 60 48.91 10.68 19.37
CA ALA B 60 48.31 9.80 20.36
C ALA B 60 47.96 8.44 19.77
N MET B 61 47.71 7.49 20.65
CA MET B 61 47.37 6.13 20.23
C MET B 61 46.02 6.14 19.51
N PRO B 62 45.92 5.53 18.34
CA PRO B 62 44.63 5.41 17.66
C PRO B 62 43.83 4.24 18.23
N ARG B 63 42.63 4.06 17.70
CA ARG B 63 41.76 2.96 18.10
C ARG B 63 41.33 2.18 16.86
N CYS B 64 41.29 0.86 17.00
CA CYS B 64 40.85 -0.03 15.92
C CYS B 64 39.35 -0.24 16.05
N LYS B 65 38.58 0.54 15.29
CA LYS B 65 37.14 0.31 15.20
C LYS B 65 36.84 -0.72 14.11
N ILE B 66 35.60 -1.16 14.08
CA ILE B 66 35.20 -2.24 13.17
C ILE B 66 34.99 -1.69 11.77
N LYS B 67 35.35 -2.49 10.78
CA LYS B 67 35.13 -2.10 9.39
C LYS B 67 33.65 -2.19 9.05
N ASP B 68 33.22 -1.32 8.14
CA ASP B 68 31.83 -1.26 7.70
C ASP B 68 31.81 -1.43 6.18
N CYS B 69 31.29 -2.56 5.72
CA CYS B 69 31.19 -2.81 4.28
C CYS B 69 30.28 -1.82 3.57
N GLY B 70 29.51 -1.02 4.30
CA GLY B 70 28.60 -0.08 3.69
C GLY B 70 27.29 -0.73 3.29
N GLN B 71 26.42 0.08 2.71
CA GLN B 71 25.12 -0.39 2.25
C GLN B 71 25.33 -1.35 1.09
N PRO B 72 24.83 -2.59 1.15
CA PRO B 72 25.05 -3.54 0.06
C PRO B 72 24.49 -3.03 -1.26
N ARG B 73 25.06 -3.53 -2.34
CA ARG B 73 24.66 -3.11 -3.68
C ARG B 73 23.21 -3.54 -3.96
N ASN B 74 22.47 -2.65 -4.62
CA ASN B 74 21.10 -2.96 -5.00
C ASN B 74 21.09 -4.02 -6.09
N LEU B 75 20.35 -5.10 -5.84
CA LEU B 75 20.22 -6.16 -6.84
C LEU B 75 19.15 -5.76 -7.85
N PRO B 76 19.49 -5.59 -9.13
CA PRO B 76 18.48 -5.19 -10.12
C PRO B 76 17.38 -6.24 -10.23
N ASN B 77 16.14 -5.78 -10.22
CA ASN B 77 14.94 -6.63 -10.25
C ASN B 77 14.88 -7.56 -9.05
N GLY B 78 15.66 -7.29 -8.01
CA GLY B 78 15.64 -8.08 -6.80
C GLY B 78 15.79 -7.23 -5.56
N ASP B 79 16.14 -7.84 -4.44
CA ASP B 79 16.34 -7.13 -3.19
C ASP B 79 17.13 -8.06 -2.26
N PHE B 80 17.22 -7.70 -0.99
CA PHE B 80 17.98 -8.50 -0.03
C PHE B 80 17.43 -8.29 1.37
N ARG B 81 17.76 -9.24 2.26
CA ARG B 81 17.36 -9.19 3.65
C ARG B 81 18.56 -9.53 4.53
N TYR B 82 18.61 -8.89 5.70
CA TYR B 82 19.69 -9.16 6.65
C TYR B 82 19.42 -10.46 7.41
N THR B 83 20.39 -11.37 7.37
CA THR B 83 20.33 -12.57 8.19
C THR B 83 20.92 -12.36 9.58
N THR B 84 21.91 -11.47 9.69
CA THR B 84 22.43 -11.07 11.00
C THR B 84 21.57 -9.97 11.58
N THR B 85 22.17 -9.10 12.41
CA THR B 85 21.42 -8.00 12.98
C THR B 85 21.03 -7.02 11.88
N MET B 86 19.74 -6.68 11.83
CA MET B 86 19.23 -5.85 10.76
C MET B 86 19.82 -4.44 10.82
N GLY B 87 20.19 -3.91 9.66
CA GLY B 87 20.78 -2.59 9.57
C GLY B 87 22.25 -2.52 9.91
N VAL B 88 22.87 -3.64 10.25
CA VAL B 88 24.29 -3.67 10.63
C VAL B 88 25.09 -4.15 9.41
N ASN B 89 25.99 -3.29 8.94
CA ASN B 89 26.84 -3.59 7.79
C ASN B 89 28.28 -3.87 8.18
N THR B 90 28.55 -4.10 9.47
CA THR B 90 29.91 -4.24 9.95
C THR B 90 30.44 -5.64 9.62
N TYR B 91 31.65 -5.91 10.11
CA TYR B 91 32.33 -7.18 9.84
C TYR B 91 31.52 -8.35 10.39
N LYS B 92 31.58 -9.48 9.67
CA LYS B 92 30.82 -10.68 9.98
C LYS B 92 29.32 -10.44 9.95
N ALA B 93 28.86 -9.69 8.96
CA ALA B 93 27.43 -9.50 8.70
C ALA B 93 27.08 -10.17 7.39
N ARG B 94 25.93 -10.84 7.36
CA ARG B 94 25.52 -11.62 6.20
C ARG B 94 24.15 -11.16 5.72
N ILE B 95 23.92 -11.27 4.41
CA ILE B 95 22.66 -10.88 3.79
C ILE B 95 22.23 -11.97 2.82
N GLN B 96 20.93 -12.00 2.54
CA GLN B 96 20.31 -12.97 1.65
C GLN B 96 19.66 -12.23 0.49
N TYR B 97 20.23 -12.34 -0.70
CA TYR B 97 19.60 -11.81 -1.90
C TYR B 97 18.47 -12.71 -2.36
N TYR B 98 17.46 -12.09 -2.98
CA TYR B 98 16.34 -12.81 -3.55
C TYR B 98 15.75 -11.97 -4.67
N CYS B 99 15.22 -12.64 -5.68
CA CYS B 99 14.63 -11.98 -6.83
C CYS B 99 13.11 -11.92 -6.68
N HIS B 100 12.51 -10.93 -7.36
CA HIS B 100 11.08 -10.71 -7.28
C HIS B 100 10.34 -11.85 -7.99
N GLU B 101 10.19 -12.95 -7.28
CA GLU B 101 9.39 -14.06 -7.77
C GLU B 101 7.92 -13.65 -7.81
N PRO B 102 7.13 -14.26 -8.72
CA PRO B 102 7.49 -15.26 -9.72
C PRO B 102 7.94 -14.63 -11.02
N TYR B 103 8.31 -13.35 -11.01
CA TYR B 103 8.57 -12.62 -12.24
C TYR B 103 10.02 -12.80 -12.70
N TYR B 104 10.96 -12.61 -11.80
CA TYR B 104 12.37 -12.82 -12.05
C TYR B 104 12.87 -14.00 -11.23
N LYS B 105 13.97 -14.59 -11.68
CA LYS B 105 14.52 -15.78 -11.01
C LYS B 105 16.03 -15.68 -10.99
N MET B 106 16.62 -15.86 -9.81
CA MET B 106 18.07 -15.80 -9.67
C MET B 106 18.72 -16.95 -10.42
N GLN B 107 19.79 -16.64 -11.15
CA GLN B 107 20.50 -17.66 -11.90
C GLN B 107 21.24 -18.60 -10.95
N THR B 108 21.24 -19.89 -11.30
CA THR B 108 21.93 -20.91 -10.53
C THR B 108 23.18 -21.35 -11.29
N ARG B 109 24.00 -22.16 -10.62
CA ARG B 109 25.24 -22.66 -11.21
C ARG B 109 25.45 -24.15 -11.01
N ALA B 110 24.79 -24.78 -10.04
CA ALA B 110 24.90 -26.23 -9.80
C ALA B 110 26.34 -26.66 -9.55
N ARG B 113 24.00 -25.75 -6.73
CA ARG B 113 24.19 -24.45 -6.09
C ARG B 113 22.86 -23.73 -5.91
N GLU B 114 22.50 -23.53 -4.64
CA GLU B 114 21.22 -22.95 -4.25
C GLU B 114 21.30 -22.65 -2.76
N SER B 115 20.26 -21.99 -2.25
CA SER B 115 20.20 -21.55 -0.87
C SER B 115 21.38 -20.66 -0.52
N GLU B 116 22.59 -21.23 -0.48
CA GLU B 116 23.79 -20.44 -0.26
C GLU B 116 24.16 -19.57 -1.46
N GLN B 117 23.32 -19.53 -2.50
CA GLN B 117 23.65 -18.78 -3.70
C GLN B 117 23.65 -17.27 -3.45
N GLY B 118 22.60 -16.78 -2.79
CA GLY B 118 22.48 -15.36 -2.55
C GLY B 118 22.93 -14.91 -1.17
N VAL B 119 23.86 -15.66 -0.57
CA VAL B 119 24.37 -15.36 0.76
C VAL B 119 25.70 -14.62 0.58
N TYR B 120 25.69 -13.32 0.83
CA TYR B 120 26.91 -12.53 0.84
C TYR B 120 27.22 -12.06 2.26
N THR B 121 28.51 -12.05 2.59
CA THR B 121 28.97 -11.69 3.92
C THR B 121 29.94 -10.53 3.85
N CYS B 122 30.05 -9.80 4.95
CA CYS B 122 30.95 -8.65 5.07
C CYS B 122 32.32 -9.16 5.46
N THR B 123 33.21 -9.30 4.47
CA THR B 123 34.51 -9.90 4.70
C THR B 123 35.47 -8.88 5.34
N ALA B 124 36.70 -9.33 5.58
CA ALA B 124 37.69 -8.51 6.27
C ALA B 124 38.19 -7.35 5.44
N GLN B 125 38.07 -7.42 4.12
CA GLN B 125 38.52 -6.33 3.25
C GLN B 125 37.49 -5.20 3.18
N GLY B 126 36.35 -5.32 3.85
CA GLY B 126 35.34 -4.29 3.80
C GLY B 126 34.42 -4.37 2.61
N ILE B 127 34.31 -5.53 1.97
CA ILE B 127 33.45 -5.73 0.81
C ILE B 127 32.59 -6.96 1.02
N TRP B 128 31.44 -6.97 0.37
CA TRP B 128 30.49 -8.09 0.47
C TRP B 128 30.91 -9.16 -0.54
N LYS B 129 31.34 -10.31 -0.04
CA LYS B 129 31.80 -11.41 -0.89
C LYS B 129 30.97 -12.66 -0.62
N ASN B 130 31.45 -13.79 -1.14
CA ASN B 130 30.74 -15.06 -1.01
C ASN B 130 31.73 -16.19 -1.16
N GLU B 131 31.32 -17.39 -0.73
CA GLU B 131 32.09 -18.60 -0.95
C GLU B 131 32.30 -18.81 -2.44
N GLN B 132 31.28 -19.28 -3.14
CA GLN B 132 31.30 -19.32 -4.59
C GLN B 132 31.00 -17.92 -5.12
N LYS B 133 31.79 -17.48 -6.10
CA LYS B 133 31.76 -16.12 -6.64
C LYS B 133 32.17 -15.10 -5.58
N GLY B 134 33.02 -14.15 -5.98
CA GLY B 134 33.56 -13.20 -5.02
C GLY B 134 32.66 -12.00 -4.75
N GLU B 135 33.08 -10.84 -5.23
CA GLU B 135 32.37 -9.60 -4.96
C GLU B 135 31.20 -9.37 -5.91
N LYS B 136 31.15 -10.09 -7.03
CA LYS B 136 30.07 -9.91 -7.98
C LYS B 136 28.72 -10.28 -7.35
N ILE B 137 27.69 -9.51 -7.68
CA ILE B 137 26.35 -9.72 -7.15
C ILE B 137 25.63 -10.76 -8.00
N PRO B 138 24.56 -11.41 -7.49
CA PRO B 138 23.81 -12.35 -8.34
C PRO B 138 23.09 -11.63 -9.47
N ARG B 139 22.37 -12.39 -10.29
CA ARG B 139 21.70 -11.83 -11.47
C ARG B 139 20.30 -12.40 -11.55
N CYS B 140 19.30 -11.51 -11.44
CA CYS B 140 17.90 -11.91 -11.54
C CYS B 140 17.52 -12.06 -13.00
N LEU B 141 17.11 -13.26 -13.39
CA LEU B 141 16.74 -13.51 -14.77
C LEU B 141 15.23 -13.68 -14.90
N PRO B 142 14.63 -13.13 -15.94
CA PRO B 142 13.18 -13.27 -16.11
C PRO B 142 12.80 -14.68 -16.52
N VAL B 143 11.60 -15.09 -16.09
CA VAL B 143 11.01 -16.36 -16.52
C VAL B 143 10.23 -16.11 -17.80
N CYS B 144 10.32 -17.05 -18.74
CA CYS B 144 9.69 -16.84 -20.04
C CYS B 144 8.18 -16.98 -19.97
N GLY B 145 7.68 -18.21 -19.82
CA GLY B 145 6.24 -18.39 -19.74
C GLY B 145 5.68 -18.06 -18.38
N LYS B 146 4.80 -18.93 -17.87
CA LYS B 146 4.27 -18.85 -16.52
C LYS B 146 3.54 -17.54 -16.26
N PRO B 147 2.37 -17.32 -16.85
CA PRO B 147 1.59 -16.12 -16.52
C PRO B 147 0.89 -16.26 -15.18
N VAL B 148 0.71 -15.12 -14.52
CA VAL B 148 0.07 -15.13 -13.20
C VAL B 148 -1.37 -15.61 -13.32
N ASN B 149 -2.08 -15.17 -14.36
CA ASN B 149 -3.48 -15.51 -14.58
C ASN B 149 -3.62 -16.23 -15.91
N PRO B 150 -3.26 -17.51 -15.97
CA PRO B 150 -3.39 -18.25 -17.23
C PRO B 150 -4.86 -18.49 -17.56
N VAL B 151 -5.11 -18.68 -18.86
CA VAL B 151 -6.47 -18.92 -19.32
C VAL B 151 -6.97 -20.25 -18.78
N GLU B 152 -8.29 -20.33 -18.57
CA GLU B 152 -8.88 -21.56 -18.07
C GLU B 152 -8.77 -22.67 -19.12
N GLN B 153 -8.39 -23.87 -18.67
CA GLN B 153 -8.25 -24.98 -19.60
C GLN B 153 -9.57 -25.71 -19.84
N ARG B 154 -10.48 -25.68 -18.88
CA ARG B 154 -11.80 -26.27 -19.07
C ARG B 154 -12.60 -25.36 -20.00
N GLN B 155 -12.63 -25.70 -21.28
CA GLN B 155 -13.37 -24.90 -22.25
C GLN B 155 -14.84 -25.29 -22.24
N ARG B 156 -15.69 -24.29 -22.40
CA ARG B 156 -17.14 -24.47 -22.41
C ARG B 156 -17.69 -24.06 -23.76
N ILE B 157 -18.86 -24.62 -24.11
CA ILE B 157 -19.56 -24.16 -25.30
C ILE B 157 -19.96 -22.69 -25.14
N ILE B 158 -20.43 -22.32 -23.95
CA ILE B 158 -20.69 -20.92 -23.61
C ILE B 158 -19.34 -20.23 -23.52
N GLY B 159 -18.76 -19.88 -24.67
CA GLY B 159 -17.41 -19.35 -24.70
C GLY B 159 -17.38 -17.84 -24.57
N GLY B 160 -16.43 -17.35 -23.78
CA GLY B 160 -16.18 -15.93 -23.66
C GLY B 160 -14.90 -15.54 -24.35
N GLN B 161 -15.01 -14.93 -25.53
CA GLN B 161 -13.86 -14.60 -26.35
C GLN B 161 -13.15 -13.32 -25.88
N LYS B 162 -13.50 -12.81 -24.71
CA LYS B 162 -12.86 -11.63 -24.14
C LYS B 162 -11.69 -12.04 -23.25
N ALA B 163 -10.52 -11.46 -23.52
CA ALA B 163 -9.32 -11.76 -22.75
C ALA B 163 -9.25 -10.87 -21.52
N LYS B 164 -8.86 -11.46 -20.39
CA LYS B 164 -8.76 -10.75 -19.13
C LYS B 164 -7.31 -10.36 -18.86
N MET B 165 -7.11 -9.61 -17.77
CA MET B 165 -5.78 -9.15 -17.39
C MET B 165 -4.91 -10.33 -16.96
N GLY B 166 -3.77 -10.50 -17.61
CA GLY B 166 -2.82 -11.52 -17.25
C GLY B 166 -2.85 -12.77 -18.11
N ASN B 167 -3.90 -12.96 -18.92
CA ASN B 167 -3.95 -14.13 -19.78
C ASN B 167 -2.84 -14.12 -20.82
N PHE B 168 -2.51 -12.92 -21.33
CA PHE B 168 -1.48 -12.76 -22.34
C PHE B 168 -0.56 -11.61 -21.93
N PRO B 169 0.29 -11.84 -20.92
CA PRO B 169 1.19 -10.76 -20.47
C PRO B 169 2.27 -10.43 -21.46
N TRP B 170 2.49 -11.26 -22.47
CA TRP B 170 3.50 -11.01 -23.50
C TRP B 170 2.96 -10.21 -24.68
N GLN B 171 1.64 -10.15 -24.85
CA GLN B 171 1.06 -9.47 -26.00
C GLN B 171 1.44 -7.98 -25.98
N VAL B 172 1.93 -7.49 -27.12
CA VAL B 172 2.29 -6.10 -27.27
C VAL B 172 1.47 -5.49 -28.41
N PHE B 173 1.52 -4.17 -28.53
CA PHE B 173 0.74 -3.43 -29.51
C PHE B 173 1.66 -2.49 -30.27
N THR B 174 1.69 -2.63 -31.59
CA THR B 174 2.49 -1.78 -32.46
C THR B 174 1.59 -1.04 -33.43
N ASN B 175 1.99 0.18 -33.78
CA ASN B 175 1.24 1.01 -34.71
C ASN B 175 2.23 1.70 -35.66
N ILE B 176 2.97 0.89 -36.41
CA ILE B 176 4.00 1.38 -37.32
C ILE B 176 3.32 1.99 -38.54
N HIS B 177 3.11 1.17 -39.57
CA HIS B 177 2.32 1.56 -40.73
C HIS B 177 0.84 1.25 -40.54
N GLY B 178 0.49 0.54 -39.48
CA GLY B 178 -0.89 0.23 -39.20
C GLY B 178 -0.99 -0.51 -37.88
N ARG B 179 -2.19 -1.01 -37.59
CA ARG B 179 -2.39 -1.77 -36.36
C ARG B 179 -1.63 -3.07 -36.41
N GLY B 180 -0.91 -3.38 -35.34
CA GLY B 180 -0.13 -4.60 -35.27
C GLY B 180 0.14 -5.00 -33.84
N GLY B 181 0.95 -6.05 -33.70
CA GLY B 181 1.29 -6.54 -32.37
C GLY B 181 2.38 -7.58 -32.44
N GLY B 182 2.70 -8.13 -31.27
CA GLY B 182 3.73 -9.15 -31.15
C GLY B 182 3.80 -9.71 -29.75
N ALA B 183 4.98 -10.21 -29.35
CA ALA B 183 5.17 -10.79 -28.03
C ALA B 183 6.44 -10.23 -27.40
N LEU B 184 6.59 -10.49 -26.11
CA LEU B 184 7.74 -10.04 -25.34
C LEU B 184 8.72 -11.18 -25.12
N LEU B 185 10.00 -10.89 -25.31
CA LEU B 185 11.08 -11.83 -25.05
C LEU B 185 12.01 -11.20 -24.03
N GLY B 186 12.08 -11.80 -22.83
CA GLY B 186 12.85 -11.19 -21.77
C GLY B 186 12.20 -9.89 -21.30
N ASP B 187 13.03 -8.93 -20.95
CA ASP B 187 12.56 -7.61 -20.52
C ASP B 187 12.93 -6.52 -21.51
N ARG B 188 13.47 -6.87 -22.68
CA ARG B 188 13.99 -5.88 -23.62
C ARG B 188 13.64 -6.15 -25.07
N TRP B 189 13.34 -7.39 -25.47
CA TRP B 189 13.20 -7.75 -26.86
C TRP B 189 11.74 -8.01 -27.21
N ILE B 190 11.36 -7.61 -28.43
CA ILE B 190 10.00 -7.79 -28.94
C ILE B 190 10.08 -8.62 -30.21
N LEU B 191 9.27 -9.69 -30.26
CA LEU B 191 9.20 -10.56 -31.42
C LEU B 191 7.94 -10.26 -32.21
N THR B 192 8.09 -10.00 -33.50
CA THR B 192 6.97 -9.66 -34.36
C THR B 192 7.27 -10.16 -35.77
N ALA B 193 6.36 -9.85 -36.69
CA ALA B 193 6.52 -10.21 -38.10
C ALA B 193 7.20 -9.08 -38.86
N ALA B 194 7.90 -9.47 -39.93
CA ALA B 194 8.66 -8.49 -40.71
C ALA B 194 7.76 -7.61 -41.57
N HIS B 195 6.57 -8.09 -41.95
CA HIS B 195 5.73 -7.28 -42.84
C HIS B 195 5.06 -6.13 -42.10
N THR B 196 4.98 -6.19 -40.76
CA THR B 196 4.51 -5.05 -40.00
C THR B 196 5.54 -3.92 -39.97
N LEU B 197 6.82 -4.24 -40.22
CA LEU B 197 7.87 -3.25 -40.37
C LEU B 197 8.00 -2.77 -41.80
N TYR B 198 8.17 -3.70 -42.74
CA TYR B 198 8.34 -3.39 -44.16
C TYR B 198 7.17 -4.01 -44.91
N PRO B 199 6.07 -3.27 -45.07
CA PRO B 199 4.90 -3.83 -45.75
C PRO B 199 5.15 -4.03 -47.24
N LYS B 200 4.35 -4.93 -47.82
CA LYS B 200 4.48 -5.29 -49.23
C LYS B 200 3.91 -4.25 -50.17
N GLU B 201 3.19 -3.26 -49.66
CA GLU B 201 2.55 -2.25 -50.50
C GLU B 201 3.53 -1.14 -50.88
N ALA B 208 7.75 5.20 -41.39
CA ALA B 208 7.74 4.31 -40.24
C ALA B 208 7.98 5.08 -38.95
N SER B 209 7.08 4.91 -37.98
CA SER B 209 7.20 5.56 -36.68
C SER B 209 7.27 4.56 -35.53
N LEU B 210 7.34 3.26 -35.83
CA LEU B 210 7.44 2.21 -34.82
C LEU B 210 6.27 2.24 -33.86
N ASP B 211 6.46 2.87 -32.70
CA ASP B 211 5.43 3.00 -31.67
C ASP B 211 5.02 1.64 -31.11
N VAL B 212 5.60 1.25 -29.98
CA VAL B 212 5.35 -0.04 -29.36
C VAL B 212 4.67 0.19 -28.02
N PHE B 213 3.56 -0.50 -27.78
CA PHE B 213 2.81 -0.40 -26.55
C PHE B 213 2.60 -1.79 -25.98
N LEU B 214 2.48 -1.88 -24.66
CA LEU B 214 2.37 -3.16 -23.97
C LEU B 214 1.99 -2.94 -22.51
N GLY B 215 1.39 -3.95 -21.92
CA GLY B 215 1.14 -3.99 -20.49
C GLY B 215 -0.30 -3.89 -20.03
N HIS B 216 -1.28 -4.09 -20.91
CA HIS B 216 -2.68 -3.95 -20.55
C HIS B 216 -3.51 -4.56 -21.68
N THR B 217 -4.80 -4.75 -21.40
CA THR B 217 -5.71 -5.33 -22.41
C THR B 217 -6.55 -4.29 -23.13
N ASN B 218 -6.69 -3.10 -22.57
CA ASN B 218 -7.44 -2.02 -23.21
C ASN B 218 -6.52 -1.22 -24.12
N VAL B 219 -6.98 -0.95 -25.34
CA VAL B 219 -6.19 -0.18 -26.29
C VAL B 219 -5.97 1.23 -25.76
N GLU B 220 -7.00 1.82 -25.13
CA GLU B 220 -6.85 3.16 -24.57
C GLU B 220 -5.82 3.18 -23.44
N GLU B 221 -5.70 2.07 -22.70
CA GLU B 221 -4.77 2.05 -21.59
C GLU B 221 -3.34 1.76 -22.04
N LEU B 222 -3.17 0.87 -23.02
CA LEU B 222 -1.84 0.59 -23.57
C LEU B 222 -1.14 1.88 -23.98
N MET B 223 -1.88 2.80 -24.60
CA MET B 223 -1.31 4.07 -25.00
C MET B 223 -1.10 4.98 -23.79
N LYS B 224 -1.94 4.85 -22.76
CA LYS B 224 -1.72 5.59 -21.53
C LYS B 224 -0.51 5.07 -20.76
N LEU B 225 -0.23 3.77 -20.87
CA LEU B 225 0.93 3.16 -20.24
C LEU B 225 2.25 3.55 -20.91
N GLY B 226 2.28 4.62 -21.69
CA GLY B 226 3.52 5.14 -22.22
C GLY B 226 4.01 4.39 -23.46
N ASN B 227 4.80 5.10 -24.25
CA ASN B 227 5.45 4.51 -25.41
C ASN B 227 6.67 3.69 -24.95
N HIS B 228 7.17 2.86 -25.87
CA HIS B 228 8.41 2.11 -25.64
C HIS B 228 9.31 2.31 -26.86
N PRO B 229 10.29 3.20 -26.79
CA PRO B 229 11.16 3.44 -27.94
C PRO B 229 12.05 2.24 -28.25
N ILE B 230 12.57 2.23 -29.47
CA ILE B 230 13.32 1.10 -30.02
C ILE B 230 14.73 1.56 -30.36
N ARG B 231 15.71 0.69 -30.12
CA ARG B 231 17.04 0.92 -30.67
C ARG B 231 17.20 0.18 -31.99
N ARG B 232 17.80 -1.01 -31.95
CA ARG B 232 18.04 -1.76 -33.18
C ARG B 232 16.78 -2.49 -33.62
N VAL B 233 16.68 -2.71 -34.93
CA VAL B 233 15.59 -3.45 -35.53
C VAL B 233 16.22 -4.47 -36.47
N SER B 234 16.18 -5.75 -36.09
CA SER B 234 16.83 -6.81 -36.85
C SER B 234 15.75 -7.57 -37.62
N VAL B 235 15.69 -7.33 -38.92
CA VAL B 235 14.80 -8.06 -39.82
C VAL B 235 15.57 -9.21 -40.43
N HIS B 236 14.94 -10.38 -40.49
CA HIS B 236 15.61 -11.56 -41.01
C HIS B 236 15.91 -11.36 -42.49
N PRO B 237 17.13 -11.66 -42.95
CA PRO B 237 17.50 -11.33 -44.34
C PRO B 237 16.67 -12.04 -45.39
N ASP B 238 15.99 -13.13 -45.06
CA ASP B 238 15.20 -13.85 -46.03
C ASP B 238 13.92 -13.12 -46.42
N TYR B 239 13.56 -12.05 -45.72
CA TYR B 239 12.35 -11.30 -46.02
C TYR B 239 12.62 -10.29 -47.12
N ARG B 240 11.76 -10.28 -48.15
CA ARG B 240 11.88 -9.37 -49.27
C ARG B 240 10.66 -8.45 -49.27
N GLN B 241 10.88 -7.17 -48.97
CA GLN B 241 9.78 -6.22 -48.91
C GLN B 241 9.08 -6.07 -50.27
N ASP B 242 9.86 -6.08 -51.35
CA ASP B 242 9.28 -5.82 -52.66
C ASP B 242 8.44 -6.99 -53.17
N GLU B 243 8.82 -8.23 -52.85
CA GLU B 243 8.08 -9.39 -53.30
C GLU B 243 6.75 -9.49 -52.57
N SER B 244 5.69 -8.91 -53.15
CA SER B 244 4.37 -8.85 -52.52
C SER B 244 3.59 -10.14 -52.78
N TYR B 245 4.19 -11.25 -52.35
CA TYR B 245 3.56 -12.57 -52.52
C TYR B 245 4.24 -13.61 -51.64
N ASN B 246 5.52 -13.38 -51.31
CA ASN B 246 6.32 -14.33 -50.55
C ASN B 246 6.68 -13.69 -49.21
N PHE B 247 6.19 -14.28 -48.12
CA PHE B 247 6.57 -13.84 -46.78
C PHE B 247 7.61 -14.77 -46.16
N GLU B 248 8.57 -15.24 -46.95
CA GLU B 248 9.62 -16.10 -46.42
C GLU B 248 10.48 -15.32 -45.44
N GLY B 249 10.72 -15.91 -44.26
CA GLY B 249 11.47 -15.21 -43.24
C GLY B 249 10.72 -14.07 -42.59
N ASP B 250 9.39 -14.12 -42.60
CA ASP B 250 8.56 -13.08 -42.00
C ASP B 250 8.72 -13.13 -40.48
N ILE B 251 9.81 -12.54 -40.00
CA ILE B 251 10.15 -12.53 -38.59
C ILE B 251 11.13 -11.40 -38.35
N ALA B 252 11.08 -10.82 -37.15
CA ALA B 252 11.96 -9.72 -36.80
C ALA B 252 11.98 -9.55 -35.29
N LEU B 253 13.01 -8.86 -34.81
CA LEU B 253 13.16 -8.54 -33.40
C LEU B 253 13.24 -7.04 -33.21
N LEU B 254 12.83 -6.59 -32.02
CA LEU B 254 12.83 -5.17 -31.66
C LEU B 254 13.44 -5.04 -30.27
N GLU B 255 14.54 -4.30 -30.16
CA GLU B 255 15.19 -4.06 -28.89
C GLU B 255 14.71 -2.72 -28.33
N LEU B 256 14.19 -2.75 -27.11
CA LEU B 256 13.72 -1.52 -26.47
C LEU B 256 14.91 -0.69 -26.00
N GLU B 257 14.72 0.63 -25.99
CA GLU B 257 15.74 1.52 -25.45
C GLU B 257 16.07 1.16 -24.00
N ASN B 258 15.05 0.94 -23.18
CA ASN B 258 15.20 0.58 -21.79
C ASN B 258 14.43 -0.69 -21.51
N SER B 259 14.95 -1.49 -20.58
CA SER B 259 14.26 -2.71 -20.18
C SER B 259 12.98 -2.37 -19.41
N VAL B 260 12.04 -3.31 -19.43
CA VAL B 260 10.77 -3.14 -18.75
C VAL B 260 10.81 -3.86 -17.42
N THR B 261 10.08 -3.32 -16.44
CA THR B 261 9.94 -3.96 -15.13
C THR B 261 8.76 -4.92 -15.21
N LEU B 262 9.05 -6.22 -15.14
CA LEU B 262 8.03 -7.22 -15.33
C LEU B 262 7.06 -7.24 -14.15
N GLY B 263 5.86 -7.73 -14.41
CA GLY B 263 4.83 -7.83 -13.41
C GLY B 263 3.73 -8.78 -13.86
N PRO B 264 2.65 -8.87 -13.10
CA PRO B 264 1.55 -9.76 -13.50
C PRO B 264 0.90 -9.34 -14.80
N ASN B 265 0.98 -8.07 -15.17
CA ASN B 265 0.43 -7.58 -16.42
C ASN B 265 1.43 -7.65 -17.58
N LEU B 266 2.68 -8.04 -17.31
CA LEU B 266 3.72 -7.99 -18.33
C LEU B 266 4.76 -9.06 -18.02
N LEU B 267 4.73 -10.15 -18.80
CA LEU B 267 5.68 -11.24 -18.68
C LEU B 267 6.08 -11.71 -20.07
N PRO B 268 7.28 -12.28 -20.21
CA PRO B 268 7.73 -12.73 -21.54
C PRO B 268 6.96 -13.92 -22.07
N ILE B 269 7.51 -14.58 -23.08
CA ILE B 269 6.97 -15.83 -23.62
C ILE B 269 8.14 -16.72 -24.01
N CYS B 270 7.94 -18.03 -23.87
CA CYS B 270 9.03 -18.97 -24.09
C CYS B 270 9.23 -19.23 -25.58
N LEU B 271 10.42 -19.67 -25.93
CA LEU B 271 10.72 -20.07 -27.29
C LEU B 271 10.59 -21.58 -27.43
N PRO B 272 10.16 -22.08 -28.60
CA PRO B 272 10.05 -23.53 -28.78
C PRO B 272 11.40 -24.21 -28.67
N ASP B 273 11.39 -25.43 -28.15
CA ASP B 273 12.61 -26.21 -27.97
C ASP B 273 12.64 -27.50 -28.77
N ASN B 274 11.54 -28.25 -28.79
CA ASN B 274 11.45 -29.47 -29.59
C ASN B 274 10.29 -29.35 -30.58
N ASP B 275 10.29 -30.24 -31.57
CA ASP B 275 9.32 -30.18 -32.65
C ASP B 275 7.98 -30.81 -32.28
N THR B 276 7.86 -31.37 -31.07
CA THR B 276 6.59 -31.94 -30.65
C THR B 276 5.50 -30.89 -30.50
N PHE B 277 5.87 -29.61 -30.34
CA PHE B 277 4.90 -28.53 -30.26
C PHE B 277 4.19 -28.30 -31.58
N TYR B 278 4.67 -28.88 -32.68
CA TYR B 278 4.09 -28.69 -33.99
C TYR B 278 3.35 -29.93 -34.48
N ASP B 279 3.12 -30.91 -33.62
CA ASP B 279 2.36 -32.09 -34.00
C ASP B 279 0.95 -31.69 -34.41
N LEU B 280 0.41 -32.38 -35.42
CA LEU B 280 -0.93 -32.09 -35.89
C LEU B 280 -1.94 -32.31 -34.78
N GLY B 281 -2.85 -31.34 -34.61
CA GLY B 281 -3.88 -31.40 -33.61
C GLY B 281 -3.62 -30.55 -32.38
N LEU B 282 -2.39 -30.09 -32.18
CA LEU B 282 -2.09 -29.22 -31.06
C LEU B 282 -2.91 -27.94 -31.13
N MET B 283 -3.37 -27.48 -29.97
CA MET B 283 -4.23 -26.31 -29.88
C MET B 283 -3.39 -25.10 -29.50
N GLY B 284 -3.66 -23.98 -30.17
CA GLY B 284 -2.90 -22.77 -29.92
C GLY B 284 -3.75 -21.51 -29.90
N TYR B 285 -3.48 -20.62 -28.95
CA TYR B 285 -4.22 -19.36 -28.85
C TYR B 285 -3.51 -18.28 -29.64
N VAL B 286 -4.29 -17.41 -30.27
CA VAL B 286 -3.80 -16.18 -30.87
C VAL B 286 -4.63 -15.01 -30.35
N SER B 287 -3.97 -13.99 -29.83
CA SER B 287 -4.63 -12.85 -29.21
C SER B 287 -4.45 -11.63 -30.10
N GLY B 288 -5.50 -10.80 -30.17
CA GLY B 288 -5.45 -9.62 -31.00
C GLY B 288 -6.48 -8.60 -30.58
N PHE B 289 -6.37 -7.42 -31.19
CA PHE B 289 -7.25 -6.30 -30.90
C PHE B 289 -8.22 -6.11 -32.07
N GLY B 290 -9.13 -5.14 -31.91
CA GLY B 290 -10.16 -4.88 -32.90
C GLY B 290 -9.63 -4.57 -34.29
N HIS B 298 -11.17 -2.83 -29.98
CA HIS B 298 -10.75 -1.83 -29.00
C HIS B 298 -10.28 -2.47 -27.70
N ASP B 299 -10.40 -3.80 -27.62
CA ASP B 299 -9.89 -4.58 -26.50
C ASP B 299 -9.24 -5.84 -27.04
N LEU B 300 -8.54 -6.55 -26.16
CA LEU B 300 -7.81 -7.75 -26.54
C LEU B 300 -8.74 -8.97 -26.52
N ARG B 301 -8.88 -9.63 -27.66
CA ARG B 301 -9.63 -10.87 -27.77
C ARG B 301 -8.67 -12.02 -28.08
N PHE B 302 -9.12 -13.24 -27.81
CA PHE B 302 -8.32 -14.42 -28.06
C PHE B 302 -9.19 -15.52 -28.64
N VAL B 303 -8.60 -16.32 -29.52
CA VAL B 303 -9.27 -17.48 -30.09
C VAL B 303 -8.28 -18.63 -30.13
N ARG B 304 -8.80 -19.85 -29.94
CA ARG B 304 -7.98 -21.04 -30.00
C ARG B 304 -8.17 -21.72 -31.35
N LEU B 305 -7.06 -22.08 -31.98
CA LEU B 305 -7.09 -22.68 -33.31
C LEU B 305 -6.20 -23.91 -33.35
N PRO B 306 -6.64 -24.99 -33.98
CA PRO B 306 -5.81 -26.19 -34.10
C PRO B 306 -4.84 -26.09 -35.26
N VAL B 307 -3.62 -26.59 -35.04
CA VAL B 307 -2.64 -26.66 -36.12
C VAL B 307 -3.11 -27.70 -37.14
N ALA B 308 -3.12 -27.32 -38.40
CA ALA B 308 -3.72 -28.12 -39.46
C ALA B 308 -2.66 -28.96 -40.17
N ASN B 309 -3.15 -29.84 -41.03
CA ASN B 309 -2.29 -30.66 -41.87
C ASN B 309 -1.53 -29.77 -42.84
N PRO B 310 -0.20 -29.76 -42.82
CA PRO B 310 0.54 -28.92 -43.79
C PRO B 310 0.30 -29.30 -45.24
N GLN B 311 -0.24 -30.50 -45.50
CA GLN B 311 -0.58 -30.88 -46.87
C GLN B 311 -2.01 -30.51 -47.23
N ALA B 312 -2.95 -30.65 -46.30
CA ALA B 312 -4.33 -30.27 -46.56
C ALA B 312 -4.48 -28.77 -46.75
N CYS B 313 -3.51 -27.98 -46.31
CA CYS B 313 -3.56 -26.54 -46.54
C CYS B 313 -3.05 -26.16 -47.92
N GLU B 314 -2.08 -26.91 -48.46
CA GLU B 314 -1.58 -26.62 -49.79
C GLU B 314 -2.62 -26.96 -50.86
N ASN B 315 -3.32 -28.08 -50.71
CA ASN B 315 -4.38 -28.43 -51.65
C ASN B 315 -5.49 -27.40 -51.62
N TRP B 316 -5.84 -26.91 -50.43
CA TRP B 316 -6.79 -25.81 -50.31
C TRP B 316 -6.24 -24.53 -50.93
N LEU B 317 -4.93 -24.31 -50.82
CA LEU B 317 -4.31 -23.10 -51.33
C LEU B 317 -4.26 -23.10 -52.86
N ARG B 318 -3.55 -24.08 -53.43
CA ARG B 318 -3.45 -24.17 -54.88
C ARG B 318 -4.82 -24.42 -55.52
N GLY B 319 -5.75 -25.00 -54.78
CA GLY B 319 -7.06 -25.28 -55.33
C GLY B 319 -7.86 -24.02 -55.64
N LYS B 320 -7.57 -22.92 -54.95
CA LYS B 320 -8.29 -21.66 -55.16
C LYS B 320 -7.66 -20.86 -56.30
N ASN B 321 -6.48 -20.31 -56.07
CA ASN B 321 -5.79 -19.51 -57.07
C ASN B 321 -4.32 -19.91 -57.23
N MET B 323 -1.13 -19.12 -56.62
CA MET B 323 0.10 -19.70 -56.08
C MET B 323 0.67 -18.85 -54.95
N ASP B 324 0.91 -19.48 -53.81
CA ASP B 324 1.55 -18.81 -52.68
C ASP B 324 2.85 -19.51 -52.30
N VAL B 325 3.30 -19.33 -51.05
CA VAL B 325 4.64 -19.70 -50.67
C VAL B 325 4.66 -20.50 -49.37
N PHE B 326 3.81 -21.52 -49.26
CA PHE B 326 3.84 -22.40 -48.10
C PHE B 326 5.15 -23.20 -48.12
N SER B 327 6.02 -22.94 -47.17
CA SER B 327 7.32 -23.60 -47.07
C SER B 327 7.38 -24.42 -45.78
N GLN B 328 8.55 -25.00 -45.53
CA GLN B 328 8.77 -25.76 -44.31
C GLN B 328 8.95 -24.84 -43.10
N ASN B 329 9.48 -23.64 -43.31
CA ASN B 329 9.59 -22.64 -42.27
C ASN B 329 8.25 -22.01 -41.92
N MET B 330 7.15 -22.53 -42.46
CA MET B 330 5.81 -22.03 -42.19
C MET B 330 4.93 -23.20 -41.76
N PHE B 331 3.79 -22.87 -41.15
CA PHE B 331 2.80 -23.88 -40.81
C PHE B 331 1.42 -23.22 -40.80
N CYS B 332 0.40 -24.04 -41.00
CA CYS B 332 -0.96 -23.56 -41.07
C CYS B 332 -1.78 -24.05 -39.89
N ALA B 333 -2.74 -23.22 -39.48
CA ALA B 333 -3.63 -23.54 -38.37
C ALA B 333 -5.04 -23.06 -38.70
N GLY B 334 -6.02 -23.72 -38.11
CA GLY B 334 -7.42 -23.42 -38.34
C GLY B 334 -8.14 -24.59 -38.99
N HIS B 335 -9.42 -24.34 -39.32
CA HIS B 335 -10.23 -25.37 -39.94
C HIS B 335 -11.37 -24.70 -40.69
N PRO B 336 -11.76 -25.20 -41.86
CA PRO B 336 -12.82 -24.52 -42.62
C PRO B 336 -14.18 -24.57 -41.94
N SER B 337 -14.51 -25.68 -41.28
CA SER B 337 -15.81 -25.80 -40.63
C SER B 337 -16.00 -24.80 -39.50
N LEU B 338 -14.91 -24.21 -39.00
CA LEU B 338 -15.03 -23.13 -38.05
C LEU B 338 -15.70 -21.92 -38.70
N LYS B 339 -16.52 -21.23 -37.93
CA LYS B 339 -17.25 -20.07 -38.43
C LYS B 339 -16.50 -18.76 -38.23
N GLN B 340 -15.34 -18.79 -37.58
CA GLN B 340 -14.54 -17.58 -37.42
C GLN B 340 -13.96 -17.14 -38.76
N ASP B 341 -13.33 -15.96 -38.75
CA ASP B 341 -12.69 -15.42 -39.93
C ASP B 341 -11.23 -15.85 -39.97
N ALA B 342 -10.68 -15.92 -41.19
CA ALA B 342 -9.27 -16.28 -41.34
C ALA B 342 -8.35 -15.21 -40.76
N CYS B 343 -8.79 -13.95 -40.74
CA CYS B 343 -8.04 -12.85 -40.13
C CYS B 343 -8.43 -12.64 -38.68
N GLN B 344 -8.61 -13.71 -37.91
CA GLN B 344 -9.05 -13.56 -36.52
C GLN B 344 -7.88 -13.21 -35.60
N GLY B 345 -6.69 -13.69 -35.91
CA GLY B 345 -5.50 -13.27 -35.19
C GLY B 345 -5.10 -11.87 -35.57
N ASP B 346 -4.06 -11.37 -34.90
CA ASP B 346 -3.56 -10.03 -35.12
C ASP B 346 -2.17 -10.08 -35.74
N ALA B 347 -1.89 -9.13 -36.63
CA ALA B 347 -0.66 -9.14 -37.40
C ALA B 347 0.55 -9.05 -36.48
N GLY B 348 1.56 -9.87 -36.77
CA GLY B 348 2.76 -9.93 -35.94
C GLY B 348 2.59 -10.65 -34.63
N GLY B 349 1.36 -10.88 -34.17
CA GLY B 349 1.15 -11.62 -32.94
C GLY B 349 1.65 -13.05 -33.06
N VAL B 350 1.91 -13.66 -31.90
CA VAL B 350 2.50 -14.99 -31.85
C VAL B 350 1.41 -16.04 -31.68
N PHE B 351 1.66 -17.22 -32.24
CA PHE B 351 0.78 -18.38 -32.08
C PHE B 351 1.16 -19.04 -30.76
N ALA B 352 0.38 -18.80 -29.72
CA ALA B 352 0.74 -19.21 -28.37
C ALA B 352 0.19 -20.61 -28.08
N VAL B 353 1.11 -21.55 -27.81
CA VAL B 353 0.76 -22.90 -27.40
C VAL B 353 1.38 -23.14 -26.02
N ARG B 354 0.64 -23.80 -25.15
CA ARG B 354 1.14 -24.15 -23.83
C ARG B 354 1.53 -25.62 -23.78
N ASP B 355 2.68 -25.89 -23.19
CA ASP B 355 3.13 -27.26 -22.97
C ASP B 355 2.37 -27.86 -21.80
N PRO B 356 1.52 -28.88 -22.04
CA PRO B 356 0.75 -29.46 -20.94
C PRO B 356 1.60 -30.17 -19.89
N ASN B 357 2.87 -30.43 -20.17
CA ASN B 357 3.74 -31.07 -19.19
C ASN B 357 4.31 -30.06 -18.20
N THR B 358 5.04 -29.06 -18.71
CA THR B 358 5.66 -28.05 -17.86
C THR B 358 4.76 -26.85 -17.60
N ASP B 359 3.59 -26.78 -18.23
CA ASP B 359 2.62 -25.70 -18.04
C ASP B 359 3.22 -24.34 -18.37
N ARG B 360 4.12 -24.29 -19.35
CA ARG B 360 4.68 -23.04 -19.84
C ARG B 360 4.11 -22.71 -21.22
N TRP B 361 4.19 -21.44 -21.57
CA TRP B 361 3.62 -20.93 -22.82
C TRP B 361 4.74 -20.61 -23.80
N VAL B 362 4.77 -21.31 -24.92
CA VAL B 362 5.76 -21.10 -25.96
C VAL B 362 5.08 -20.47 -27.17
N ALA B 363 5.85 -19.67 -27.90
CA ALA B 363 5.36 -19.00 -29.11
C ALA B 363 5.85 -19.80 -30.31
N THR B 364 5.05 -20.78 -30.73
CA THR B 364 5.44 -21.66 -31.82
C THR B 364 5.33 -20.99 -33.19
N GLY B 365 4.52 -19.94 -33.31
CA GLY B 365 4.30 -19.30 -34.60
C GLY B 365 4.18 -17.80 -34.46
N ILE B 366 4.11 -17.15 -35.63
CA ILE B 366 3.91 -15.71 -35.75
C ILE B 366 2.93 -15.45 -36.87
N VAL B 367 1.91 -14.63 -36.60
CA VAL B 367 0.90 -14.31 -37.59
C VAL B 367 1.55 -13.64 -38.79
N SER B 368 1.60 -14.35 -39.92
CA SER B 368 2.32 -13.87 -41.10
C SER B 368 1.31 -13.62 -42.20
N TRP B 369 1.17 -14.52 -43.18
CA TRP B 369 0.34 -14.30 -44.35
C TRP B 369 -0.98 -15.04 -44.20
N GLY B 370 -2.06 -14.28 -44.05
CA GLY B 370 -3.40 -14.85 -44.01
C GLY B 370 -4.17 -14.54 -45.28
N ILE B 371 -4.10 -15.45 -46.25
CA ILE B 371 -4.79 -15.25 -47.51
C ILE B 371 -6.29 -15.39 -47.30
N GLY B 372 -7.07 -14.59 -48.02
CA GLY B 372 -8.51 -14.60 -47.89
C GLY B 372 -8.99 -14.30 -46.49
N CYS B 373 -8.95 -13.03 -46.09
CA CYS B 373 -9.36 -12.64 -44.74
C CYS B 373 -10.86 -12.75 -44.54
N SER B 374 -11.41 -13.94 -44.78
CA SER B 374 -12.85 -14.14 -44.67
C SER B 374 -13.17 -15.45 -43.95
N ARG B 375 -12.70 -16.57 -44.47
CA ARG B 375 -12.96 -17.87 -43.88
C ARG B 375 -12.04 -18.90 -44.51
N GLY B 376 -11.44 -19.74 -43.68
CA GLY B 376 -10.54 -20.79 -44.13
C GLY B 376 -9.39 -20.96 -43.16
N TYR B 377 -8.32 -21.57 -43.65
CA TYR B 377 -7.14 -21.81 -42.83
C TYR B 377 -6.34 -20.52 -42.65
N GLY B 378 -5.42 -20.56 -41.71
CA GLY B 378 -4.51 -19.44 -41.48
C GLY B 378 -3.08 -19.93 -41.40
N PHE B 379 -2.18 -19.14 -41.98
CA PHE B 379 -0.77 -19.50 -42.09
C PHE B 379 0.07 -18.64 -41.14
N TYR B 380 1.17 -19.21 -40.67
CA TYR B 380 2.02 -18.60 -39.66
C TYR B 380 3.47 -18.84 -40.01
N THR B 381 4.37 -18.26 -39.21
CA THR B 381 5.80 -18.41 -39.37
C THR B 381 6.32 -19.35 -38.28
N LYS B 382 6.89 -20.48 -38.68
CA LYS B 382 7.39 -21.47 -37.73
C LYS B 382 8.59 -20.88 -37.00
N VAL B 383 8.43 -20.64 -35.70
CA VAL B 383 9.46 -19.97 -34.92
C VAL B 383 10.63 -20.91 -34.64
N LEU B 384 10.37 -22.22 -34.58
CA LEU B 384 11.39 -23.18 -34.14
C LEU B 384 12.63 -23.13 -35.03
N ASN B 385 12.44 -23.07 -36.35
CA ASN B 385 13.58 -23.02 -37.24
C ASN B 385 14.32 -21.68 -37.17
N TYR B 386 13.73 -20.67 -36.56
CA TYR B 386 14.34 -19.34 -36.46
C TYR B 386 14.84 -19.05 -35.05
N VAL B 387 14.78 -20.02 -34.14
CA VAL B 387 15.20 -19.77 -32.76
C VAL B 387 16.68 -19.43 -32.69
N ASP B 388 17.50 -20.12 -33.47
CA ASP B 388 18.94 -19.87 -33.44
C ASP B 388 19.26 -18.44 -33.90
N TRP B 389 18.51 -17.94 -34.87
CA TRP B 389 18.68 -16.54 -35.28
C TRP B 389 18.23 -15.60 -34.19
N ILE B 390 17.14 -15.93 -33.50
CA ILE B 390 16.63 -15.06 -32.44
C ILE B 390 17.62 -14.97 -31.29
N LYS B 391 18.17 -16.12 -30.87
CA LYS B 391 19.15 -16.12 -29.80
C LYS B 391 20.42 -15.39 -30.19
N LYS B 392 20.71 -15.28 -31.50
CA LYS B 392 21.91 -14.57 -31.93
C LYS B 392 21.73 -13.06 -31.77
N GLU B 393 20.60 -12.53 -32.24
CA GLU B 393 20.39 -11.08 -32.17
C GLU B 393 20.20 -10.61 -30.74
N MET B 394 19.66 -11.46 -29.86
CA MET B 394 19.39 -11.04 -28.49
C MET B 394 20.66 -11.00 -27.65
N GLU B 395 21.53 -12.01 -27.79
CA GLU B 395 22.71 -12.10 -26.94
C GLU B 395 23.74 -11.02 -27.24
N GLU B 396 23.66 -10.39 -28.41
CA GLU B 396 24.64 -9.38 -28.81
C GLU B 396 24.59 -8.16 -27.90
N GLU C 2 -17.15 -20.96 16.90
CA GLU C 2 -15.71 -21.15 16.69
C GLU C 2 -15.00 -19.81 16.81
N ASP C 3 -15.78 -18.74 16.93
CA ASP C 3 -15.22 -17.39 17.01
C ASP C 3 -14.23 -17.28 18.17
N CYS C 4 -14.63 -17.73 19.36
CA CYS C 4 -13.74 -17.70 20.52
C CYS C 4 -12.48 -18.51 20.27
N GLU C 5 -12.62 -19.69 19.65
CA GLU C 5 -11.48 -20.55 19.40
C GLU C 5 -10.46 -19.86 18.50
N ASN C 6 -10.94 -19.27 17.41
CA ASN C 6 -10.05 -18.59 16.48
C ASN C 6 -9.41 -17.36 17.13
N ILE C 7 -10.18 -16.63 17.94
CA ILE C 7 -9.64 -15.46 18.63
C ILE C 7 -8.48 -15.87 19.54
N PHE C 8 -8.67 -16.95 20.30
CA PHE C 8 -7.62 -17.38 21.22
C PHE C 8 -6.41 -17.92 20.46
N HIS C 9 -6.64 -18.65 19.37
CA HIS C 9 -5.54 -19.10 18.53
C HIS C 9 -4.71 -17.92 18.03
N ASP C 10 -5.40 -16.88 17.54
CA ASP C 10 -4.69 -15.73 16.98
C ASP C 10 -3.96 -14.95 18.06
N ASN C 11 -4.55 -14.84 19.25
CA ASN C 11 -3.86 -14.17 20.35
C ASN C 11 -2.61 -14.94 20.76
N ALA C 12 -2.69 -16.27 20.78
CA ALA C 12 -1.51 -17.08 21.08
C ALA C 12 -0.43 -16.90 20.01
N TYR C 13 -0.84 -16.83 18.74
CA TYR C 13 0.13 -16.61 17.67
C TYR C 13 0.78 -15.23 17.79
N LEU C 14 -0.01 -14.22 18.18
CA LEU C 14 0.54 -12.87 18.36
C LEU C 14 1.54 -12.85 19.52
N LEU C 15 1.22 -13.53 20.62
CA LEU C 15 2.18 -13.60 21.72
C LEU C 15 3.43 -14.38 21.32
N LYS C 16 3.28 -15.38 20.46
CA LYS C 16 4.45 -16.09 19.94
C LYS C 16 5.35 -15.13 19.16
N LEU C 17 4.77 -14.35 18.25
CA LEU C 17 5.57 -13.38 17.50
C LEU C 17 6.20 -12.35 18.43
N ASP C 18 5.48 -11.96 19.49
CA ASP C 18 6.01 -11.00 20.45
C ASP C 18 7.25 -11.55 21.15
N CYS C 19 7.16 -12.76 21.71
CA CYS C 19 8.31 -13.34 22.39
C CYS C 19 9.44 -13.65 21.43
N GLU C 20 9.12 -13.93 20.16
CA GLU C 20 10.17 -14.06 19.16
C GLU C 20 10.88 -12.73 18.93
N ALA C 21 10.14 -11.62 19.02
CA ALA C 21 10.74 -10.30 18.97
C ALA C 21 11.16 -9.78 20.34
N GLY C 22 10.99 -10.58 21.39
CA GLY C 22 11.35 -10.17 22.74
C GLY C 22 10.38 -9.24 23.41
N ARG C 23 9.28 -8.88 22.75
CA ARG C 23 8.33 -7.94 23.34
C ARG C 23 7.62 -8.54 24.56
N VAL C 24 7.47 -9.86 24.59
CA VAL C 24 6.81 -10.56 25.69
C VAL C 24 7.76 -11.60 26.25
N ASP C 25 7.93 -11.61 27.56
CA ASP C 25 8.71 -12.64 28.22
C ASP C 25 7.82 -13.85 28.47
N PRO C 26 8.12 -15.02 27.88
CA PRO C 26 7.23 -16.17 28.08
C PRO C 26 7.18 -16.66 29.51
N VAL C 27 8.28 -16.54 30.26
CA VAL C 27 8.27 -16.91 31.67
C VAL C 27 7.38 -15.94 32.44
N GLU C 28 7.40 -14.65 32.07
CA GLU C 28 6.57 -13.67 32.74
C GLU C 28 5.09 -13.91 32.46
N PHE C 29 4.76 -14.55 31.34
CA PHE C 29 3.38 -14.87 31.02
C PHE C 29 2.75 -15.79 32.06
N ASP C 30 3.56 -16.51 32.83
CA ASP C 30 3.08 -17.37 33.91
C ASP C 30 2.52 -16.59 35.09
N ASP C 31 2.33 -15.28 34.98
CA ASP C 31 1.74 -14.52 36.08
C ASP C 31 0.33 -15.01 36.36
N ILE C 32 -0.02 -15.08 37.64
CA ILE C 32 -1.28 -15.66 38.08
C ILE C 32 -2.14 -14.60 38.76
N SER C 33 -1.99 -13.35 38.33
CA SER C 33 -2.77 -12.25 38.89
C SER C 33 -4.25 -12.54 38.78
N ASP C 34 -4.84 -13.10 39.85
CA ASP C 34 -6.25 -13.44 39.83
C ASP C 34 -7.13 -12.22 39.61
N GLU C 35 -6.63 -11.02 39.86
CA GLU C 35 -7.38 -9.81 39.54
C GLU C 35 -7.45 -9.61 38.04
N GLU C 36 -6.31 -9.77 37.35
CA GLU C 36 -6.31 -9.71 35.89
C GLU C 36 -7.21 -10.80 35.30
N ILE C 37 -7.15 -12.01 35.86
CA ILE C 37 -7.97 -13.11 35.36
C ILE C 37 -9.45 -12.79 35.57
N TYR C 38 -9.80 -12.30 36.76
CA TYR C 38 -11.18 -11.90 37.02
C TYR C 38 -11.65 -10.85 36.02
N GLU C 39 -10.83 -9.83 35.78
CA GLU C 39 -11.21 -8.77 34.86
C GLU C 39 -11.42 -9.31 33.45
N ILE C 40 -10.47 -10.13 32.97
CA ILE C 40 -10.58 -10.69 31.62
C ILE C 40 -11.83 -11.56 31.50
N THR C 41 -12.10 -12.39 32.50
CA THR C 41 -13.26 -13.27 32.43
C THR C 41 -14.55 -12.48 32.44
N VAL C 42 -14.69 -11.51 33.34
CA VAL C 42 -15.94 -10.79 33.44
C VAL C 42 -16.14 -9.82 32.27
N ASP C 43 -15.06 -9.39 31.61
CA ASP C 43 -15.22 -8.50 30.47
C ASP C 43 -15.73 -9.25 29.25
N VAL C 44 -15.16 -10.43 28.97
CA VAL C 44 -15.59 -11.22 27.82
C VAL C 44 -17.06 -11.61 27.98
N GLY C 45 -17.47 -11.92 29.20
CA GLY C 45 -18.88 -12.16 29.48
C GLY C 45 -19.21 -13.52 30.04
N VAL C 46 -18.23 -14.20 30.65
CA VAL C 46 -18.52 -15.48 31.29
C VAL C 46 -19.37 -15.23 32.52
N SER C 47 -20.33 -16.11 32.76
CA SER C 47 -21.18 -15.99 33.92
C SER C 47 -20.37 -16.20 35.19
N SER C 48 -20.70 -15.42 36.23
CA SER C 48 -20.01 -15.56 37.51
C SER C 48 -20.20 -16.95 38.09
N GLU C 49 -21.29 -17.63 37.73
CA GLU C 49 -21.49 -19.02 38.09
C GLU C 49 -20.55 -19.96 37.34
N ASP C 50 -19.77 -19.45 36.38
CA ASP C 50 -18.82 -20.25 35.63
C ASP C 50 -17.42 -19.65 35.64
N GLN C 51 -17.19 -18.59 36.42
CA GLN C 51 -15.91 -17.89 36.36
C GLN C 51 -14.81 -18.70 37.03
N GLU C 52 -15.11 -19.31 38.18
CA GLU C 52 -14.11 -20.14 38.85
C GLU C 52 -13.71 -21.34 38.01
N LYS C 53 -14.63 -21.83 37.17
CA LYS C 53 -14.29 -22.93 36.27
C LYS C 53 -13.22 -22.51 35.27
N VAL C 54 -13.42 -21.34 34.65
CA VAL C 54 -12.42 -20.82 33.71
C VAL C 54 -11.11 -20.55 34.44
N ALA C 55 -11.18 -20.06 35.68
CA ALA C 55 -9.96 -19.81 36.44
C ALA C 55 -9.20 -21.10 36.71
N LYS C 56 -9.92 -22.16 37.09
CA LYS C 56 -9.27 -23.46 37.29
C LYS C 56 -8.65 -23.98 36.01
N ILE C 57 -9.35 -23.81 34.88
CA ILE C 57 -8.81 -24.22 33.58
C ILE C 57 -7.51 -23.48 33.30
N ILE C 58 -7.50 -22.16 33.54
CA ILE C 58 -6.32 -21.36 33.25
C ILE C 58 -5.15 -21.78 34.12
N ARG C 59 -5.41 -21.98 35.42
CA ARG C 59 -4.33 -22.39 36.32
C ARG C 59 -3.76 -23.75 35.91
N GLU C 60 -4.65 -24.73 35.69
CA GLU C 60 -4.24 -26.05 35.23
C GLU C 60 -3.37 -25.96 33.98
N CYS C 61 -3.83 -25.23 32.97
CA CYS C 61 -3.14 -25.22 31.69
C CYS C 61 -1.81 -24.47 31.77
N ILE C 62 -1.76 -23.38 32.55
CA ILE C 62 -0.50 -22.66 32.70
C ILE C 62 0.49 -23.47 33.52
N ALA C 63 0.01 -24.39 34.36
CA ALA C 63 0.91 -25.26 35.10
C ALA C 63 1.35 -26.48 34.30
N GLN C 64 0.45 -27.07 33.51
CA GLN C 64 0.78 -28.28 32.76
C GLN C 64 1.85 -28.02 31.71
N VAL C 65 1.86 -26.83 31.11
CA VAL C 65 2.86 -26.50 30.10
C VAL C 65 4.15 -26.12 30.81
N SER C 66 5.16 -26.99 30.71
CA SER C 66 6.44 -26.77 31.35
C SER C 66 7.46 -26.10 30.43
N THR C 67 7.20 -26.06 29.12
CA THR C 67 8.09 -25.39 28.19
C THR C 67 7.94 -23.88 28.30
N GLN C 68 9.06 -23.17 28.25
CA GLN C 68 9.08 -21.72 28.26
C GLN C 68 9.74 -21.15 26.99
N ASP C 69 9.54 -21.82 25.87
CA ASP C 69 9.95 -21.29 24.58
C ASP C 69 8.81 -20.41 24.03
N CYS C 70 8.79 -20.19 22.72
CA CYS C 70 7.70 -19.43 22.11
C CYS C 70 6.57 -20.30 21.58
N THR C 71 6.77 -21.62 21.48
CA THR C 71 5.65 -22.50 21.20
C THR C 71 4.77 -22.67 22.43
N LYS C 72 5.31 -22.39 23.62
CA LYS C 72 4.60 -22.38 24.89
C LYS C 72 3.15 -21.93 24.77
N PHE C 73 2.97 -20.67 24.35
CA PHE C 73 1.64 -20.09 24.23
C PHE C 73 0.71 -21.02 23.47
N SER C 74 1.13 -21.46 22.28
CA SER C 74 0.33 -22.38 21.48
C SER C 74 -0.10 -23.58 22.31
N GLU C 75 0.86 -24.25 22.96
CA GLU C 75 0.54 -25.40 23.79
C GLU C 75 -0.52 -25.05 24.82
N ILE C 76 -0.35 -23.90 25.48
CA ILE C 76 -1.35 -23.46 26.46
C ILE C 76 -2.72 -23.36 25.80
N TYR C 77 -2.77 -22.68 24.64
CA TYR C 77 -3.99 -22.63 23.84
C TYR C 77 -4.60 -24.01 23.68
N ASP C 78 -3.78 -25.00 23.30
CA ASP C 78 -4.27 -26.36 23.14
C ASP C 78 -5.01 -26.83 24.38
N CYS C 79 -4.37 -26.67 25.55
CA CYS C 79 -5.02 -27.06 26.79
C CYS C 79 -6.33 -26.31 26.98
N TYR C 80 -6.32 -25.00 26.70
CA TYR C 80 -7.56 -24.23 26.77
C TYR C 80 -8.64 -24.84 25.88
N MET C 81 -8.26 -25.27 24.68
CA MET C 81 -9.24 -25.90 23.80
C MET C 81 -9.56 -27.31 24.26
N LYS C 82 -8.62 -27.96 24.96
CA LYS C 82 -8.88 -29.30 25.47
C LYS C 82 -9.91 -29.26 26.59
N LYS C 83 -9.84 -28.25 27.45
CA LYS C 83 -10.76 -28.13 28.58
C LYS C 83 -12.07 -27.47 28.18
N LYS C 84 -12.27 -27.17 26.90
CA LYS C 84 -13.51 -26.59 26.39
C LYS C 84 -13.81 -25.25 27.05
N ILE C 85 -12.84 -24.34 27.00
CA ILE C 85 -12.97 -23.07 27.70
C ILE C 85 -13.96 -22.17 26.96
N CYS C 86 -13.94 -22.20 25.62
CA CYS C 86 -14.80 -21.32 24.84
C CYS C 86 -16.27 -21.71 24.88
N ASN C 87 -16.59 -22.92 25.35
CA ASN C 87 -17.99 -23.24 25.64
C ASN C 87 -18.53 -22.40 26.79
N TYR C 88 -17.66 -21.73 27.54
CA TYR C 88 -18.07 -20.88 28.64
C TYR C 88 -18.17 -19.41 28.25
N TYR C 89 -17.26 -18.96 27.38
CA TYR C 89 -17.26 -17.60 26.85
C TYR C 89 -18.31 -17.46 25.73
N PRO C 90 -18.89 -16.26 25.56
CA PRO C 90 -19.89 -15.99 24.53
C PRO C 90 -19.40 -16.30 23.12
N LYS D 1 -13.53 86.73 36.22
CA LYS D 1 -12.72 85.67 36.84
C LYS D 1 -13.56 84.41 37.02
N CYS D 2 -12.92 83.35 37.50
CA CYS D 2 -13.57 82.07 37.76
C CYS D 2 -12.91 81.41 38.96
N PRO D 3 -13.64 80.56 39.69
CA PRO D 3 -13.06 79.90 40.85
C PRO D 3 -11.89 78.99 40.47
N GLN D 4 -11.02 78.75 41.44
CA GLN D 4 -9.87 77.88 41.24
C GLN D 4 -10.36 76.45 41.07
N PRO D 5 -10.02 75.78 39.96
CA PRO D 5 -10.47 74.39 39.78
C PRO D 5 -9.96 73.48 40.88
N LYS D 6 -10.80 72.51 41.24
CA LYS D 6 -10.46 71.53 42.27
C LYS D 6 -10.90 70.16 41.80
N THR D 7 -9.98 69.20 41.82
CA THR D 7 -10.29 67.86 41.36
C THR D 7 -11.26 67.17 42.30
N LEU D 8 -12.21 66.43 41.73
CA LEU D 8 -13.21 65.71 42.51
C LEU D 8 -12.74 64.32 42.93
N ASP D 9 -11.54 63.91 42.56
CA ASP D 9 -11.02 62.62 42.97
C ASP D 9 -9.50 62.65 42.95
N GLU D 10 -8.90 61.57 43.43
CA GLU D 10 -7.45 61.45 43.47
C GLU D 10 -6.81 61.45 42.09
N PHE D 11 -7.57 61.10 41.06
CA PHE D 11 -6.99 60.67 39.80
C PHE D 11 -7.16 61.68 38.66
N THR D 12 -7.58 62.89 38.96
CA THR D 12 -7.70 63.95 37.97
C THR D 12 -6.44 64.81 38.00
N ILE D 13 -5.80 64.95 36.84
CA ILE D 13 -4.56 65.73 36.71
C ILE D 13 -4.89 66.99 35.93
N ILE D 14 -4.61 68.14 36.53
CA ILE D 14 -4.82 69.44 35.88
C ILE D 14 -3.51 69.86 35.22
N GLN D 15 -3.58 70.30 33.97
CA GLN D 15 -2.41 70.63 33.18
C GLN D 15 -2.13 72.13 33.30
N ASN D 16 -0.94 72.48 33.77
CA ASN D 16 -0.52 73.88 33.94
C ASN D 16 -1.54 74.67 34.76
N LEU D 17 -1.67 74.27 36.02
CA LEU D 17 -2.58 74.94 36.94
C LEU D 17 -2.05 76.34 37.26
N GLN D 18 -2.49 77.34 36.51
CA GLN D 18 -2.08 78.71 36.74
C GLN D 18 -2.58 79.17 38.11
N PRO D 19 -1.98 80.23 38.67
CA PRO D 19 -2.44 80.69 40.00
C PRO D 19 -3.90 81.11 40.02
N GLN D 20 -4.32 81.95 39.08
CA GLN D 20 -5.72 82.34 38.97
C GLN D 20 -6.11 82.42 37.50
N TYR D 21 -7.38 82.13 37.23
CA TYR D 21 -7.92 82.09 35.88
C TYR D 21 -8.79 83.31 35.63
N GLN D 22 -8.56 83.98 34.52
CA GLN D 22 -9.34 85.13 34.10
C GLN D 22 -10.33 84.72 33.02
N PHE D 23 -11.08 85.69 32.52
CA PHE D 23 -12.03 85.44 31.44
C PHE D 23 -11.30 84.98 30.18
N ARG D 24 -11.96 84.10 29.42
CA ARG D 24 -11.41 83.47 28.22
C ARG D 24 -10.22 82.55 28.53
N ASP D 25 -10.10 82.11 29.78
CA ASP D 25 -9.10 81.12 30.16
C ASP D 25 -9.78 79.76 30.36
N TYR D 26 -8.98 78.71 30.24
CA TYR D 26 -9.49 77.35 30.31
C TYR D 26 -8.51 76.47 31.06
N PHE D 27 -8.96 75.25 31.37
CA PHE D 27 -8.10 74.22 31.92
C PHE D 27 -8.45 72.90 31.25
N ILE D 28 -7.51 71.97 31.27
CA ILE D 28 -7.67 70.68 30.61
C ILE D 28 -7.36 69.59 31.63
N ALA D 29 -8.39 68.82 31.99
CA ALA D 29 -8.26 67.78 33.00
C ALA D 29 -7.94 66.45 32.33
N THR D 30 -6.72 65.98 32.50
CA THR D 30 -6.33 64.66 32.05
C THR D 30 -6.33 63.70 33.24
N CYS D 31 -6.55 62.42 32.95
CA CYS D 31 -6.64 61.40 33.99
C CYS D 31 -5.32 60.66 34.14
N LYS D 32 -5.14 60.07 35.32
CA LYS D 32 -3.95 59.29 35.58
C LYS D 32 -3.92 58.05 34.70
N GLN D 33 -2.80 57.33 34.76
CA GLN D 33 -2.62 56.16 33.90
C GLN D 33 -3.70 55.12 34.17
N GLY D 34 -4.24 54.53 33.10
CA GLY D 34 -5.24 53.51 33.22
C GLY D 34 -6.63 53.99 33.58
N TYR D 35 -6.83 55.28 33.82
CA TYR D 35 -8.15 55.80 34.13
C TYR D 35 -8.63 56.72 33.02
N GLN D 36 -9.91 57.08 33.08
CA GLN D 36 -10.57 57.79 32.00
C GLN D 36 -11.57 58.80 32.55
N LEU D 37 -11.82 59.85 31.78
CA LEU D 37 -12.82 60.85 32.13
C LEU D 37 -14.21 60.24 32.10
N ILE D 38 -15.11 60.79 32.92
CA ILE D 38 -16.46 60.24 33.05
C ILE D 38 -17.50 61.30 32.79
N GLU D 39 -17.68 62.23 33.73
CA GLU D 39 -18.79 63.18 33.72
C GLU D 39 -20.12 62.44 33.71
N GLY D 40 -20.63 62.10 34.90
CA GLY D 40 -21.89 61.39 35.00
C GLY D 40 -21.77 59.91 34.68
N ASN D 41 -22.31 59.50 33.53
CA ASN D 41 -22.25 58.11 33.10
C ASN D 41 -21.55 57.94 31.75
N GLN D 42 -21.28 59.02 31.03
CA GLN D 42 -20.59 58.94 29.76
C GLN D 42 -19.09 58.73 29.97
N VAL D 43 -18.36 58.64 28.86
CA VAL D 43 -16.90 58.50 28.89
C VAL D 43 -16.33 59.52 27.92
N LEU D 44 -15.59 60.49 28.43
CA LEU D 44 -15.07 61.58 27.62
C LEU D 44 -13.70 61.22 27.04
N HIS D 45 -13.47 61.64 25.80
CA HIS D 45 -12.15 61.51 25.20
C HIS D 45 -11.22 62.65 25.62
N SER D 46 -11.78 63.79 25.96
CA SER D 46 -11.03 64.94 26.48
C SER D 46 -11.99 65.86 27.20
N PHE D 47 -11.45 66.77 27.99
CA PHE D 47 -12.26 67.73 28.72
C PHE D 47 -11.55 69.07 28.80
N THR D 48 -12.32 70.14 28.67
CA THR D 48 -11.81 71.48 28.91
C THR D 48 -12.99 72.40 29.20
N ALA D 49 -12.89 73.16 30.28
CA ALA D 49 -13.91 74.12 30.69
C ALA D 49 -13.35 75.52 30.60
N VAL D 50 -14.16 76.45 30.11
CA VAL D 50 -13.70 77.81 29.85
C VAL D 50 -14.26 78.73 30.94
N CYS D 51 -13.59 79.86 31.13
CA CYS D 51 -14.00 80.85 32.10
C CYS D 51 -14.96 81.83 31.43
N GLN D 52 -16.22 81.81 31.85
CA GLN D 52 -17.23 82.69 31.30
C GLN D 52 -17.09 84.10 31.86
N ASP D 53 -17.97 85.01 31.44
CA ASP D 53 -17.99 86.36 32.00
C ASP D 53 -18.16 86.31 33.51
N ASP D 54 -19.25 85.73 33.98
CA ASP D 54 -19.43 85.49 35.41
C ASP D 54 -18.47 84.39 35.88
N GLY D 55 -18.38 84.24 37.20
CA GLY D 55 -17.49 83.25 37.78
C GLY D 55 -17.99 81.83 37.63
N THR D 56 -18.22 81.39 36.38
CA THR D 56 -18.76 80.08 36.10
C THR D 56 -17.95 79.39 35.00
N TRP D 57 -17.93 78.06 35.06
CA TRP D 57 -17.37 77.23 34.00
C TRP D 57 -18.53 76.64 33.22
N HIS D 58 -18.37 76.51 31.90
CA HIS D 58 -19.48 75.99 31.11
C HIS D 58 -19.70 74.50 31.35
N ARG D 59 -18.71 73.81 31.94
CA ARG D 59 -18.87 72.43 32.39
C ARG D 59 -18.15 72.25 33.71
N ALA D 60 -18.71 71.43 34.58
CA ALA D 60 -18.14 71.21 35.89
C ALA D 60 -17.02 70.16 35.82
N MET D 61 -16.33 69.99 36.94
CA MET D 61 -15.21 69.05 36.99
C MET D 61 -15.73 67.62 36.83
N PRO D 62 -15.14 66.83 35.94
CA PRO D 62 -15.56 65.43 35.82
C PRO D 62 -14.93 64.55 36.89
N ARG D 63 -14.84 63.24 36.61
CA ARG D 63 -14.18 62.30 37.52
C ARG D 63 -13.38 61.32 36.69
N CYS D 64 -12.22 60.92 37.21
CA CYS D 64 -11.34 59.97 36.55
C CYS D 64 -11.54 58.60 37.20
N LYS D 65 -12.50 57.84 36.67
CA LYS D 65 -12.77 56.50 37.16
C LYS D 65 -11.93 55.48 36.40
N ILE D 66 -11.87 54.27 36.95
CA ILE D 66 -10.99 53.24 36.42
C ILE D 66 -11.53 52.72 35.08
N LYS D 67 -10.62 52.46 34.15
CA LYS D 67 -11.00 51.88 32.87
C LYS D 67 -11.31 50.40 33.04
N ASP D 68 -12.27 49.92 32.25
CA ASP D 68 -12.71 48.53 32.29
C ASP D 68 -12.37 47.88 30.96
N CYS D 69 -11.53 46.84 31.02
CA CYS D 69 -11.22 46.06 29.82
C CYS D 69 -12.39 45.20 29.36
N GLY D 70 -13.52 45.24 30.07
CA GLY D 70 -14.68 44.47 29.69
C GLY D 70 -14.47 42.97 29.88
N GLN D 71 -15.44 42.22 29.38
CA GLN D 71 -15.36 40.77 29.45
C GLN D 71 -14.23 40.27 28.56
N PRO D 72 -13.32 39.44 29.07
CA PRO D 72 -12.24 38.93 28.23
C PRO D 72 -12.79 38.11 27.05
N ARG D 73 -12.05 38.14 25.95
CA ARG D 73 -12.49 37.48 24.73
C ARG D 73 -12.53 35.97 24.94
N ASN D 74 -13.60 35.34 24.43
CA ASN D 74 -13.79 33.91 24.61
C ASN D 74 -12.68 33.14 23.89
N LEU D 75 -12.23 32.06 24.54
CA LEU D 75 -11.18 31.22 23.98
C LEU D 75 -11.79 29.94 23.44
N PRO D 76 -11.70 29.68 22.14
CA PRO D 76 -12.24 28.42 21.60
C PRO D 76 -11.52 27.21 22.18
N ASN D 77 -12.30 26.22 22.64
CA ASN D 77 -11.79 25.00 23.26
C ASN D 77 -10.96 25.28 24.50
N GLY D 78 -11.20 26.42 25.15
CA GLY D 78 -10.54 26.76 26.37
C GLY D 78 -11.36 27.73 27.19
N ASP D 79 -10.76 28.25 28.25
CA ASP D 79 -11.42 29.20 29.13
C ASP D 79 -10.35 29.97 29.88
N PHE D 80 -10.78 30.90 30.73
CA PHE D 80 -9.88 31.73 31.50
C PHE D 80 -10.33 31.79 32.95
N ARG D 81 -9.36 31.95 33.85
CA ARG D 81 -9.61 32.08 35.28
C ARG D 81 -9.02 33.39 35.78
N TYR D 82 -9.74 34.04 36.69
CA TYR D 82 -9.28 35.30 37.28
C TYR D 82 -8.23 34.99 38.34
N THR D 83 -6.99 35.41 38.11
CA THR D 83 -5.97 35.33 39.15
C THR D 83 -6.12 36.44 40.17
N THR D 84 -6.86 37.50 39.85
CA THR D 84 -7.16 38.56 40.81
C THR D 84 -8.55 38.33 41.39
N THR D 85 -9.32 39.40 41.53
CA THR D 85 -10.69 39.28 42.04
C THR D 85 -11.62 38.83 40.92
N MET D 86 -12.48 37.86 41.21
CA MET D 86 -13.39 37.35 40.19
C MET D 86 -14.35 38.43 39.73
N GLY D 87 -14.55 38.50 38.41
CA GLY D 87 -15.46 39.45 37.83
C GLY D 87 -14.83 40.81 37.58
N VAL D 88 -13.84 41.16 38.38
CA VAL D 88 -13.18 42.47 38.25
C VAL D 88 -12.35 42.47 36.98
N ASN D 89 -12.77 43.25 35.99
CA ASN D 89 -12.08 43.39 34.72
C ASN D 89 -11.40 44.73 34.57
N THR D 90 -11.24 45.48 35.67
CA THR D 90 -10.73 46.85 35.61
C THR D 90 -9.21 46.83 35.47
N TYR D 91 -8.61 48.01 35.55
CA TYR D 91 -7.18 48.17 35.32
C TYR D 91 -6.36 47.35 36.31
N LYS D 92 -5.25 46.79 35.83
CA LYS D 92 -4.33 45.92 36.54
C LYS D 92 -4.91 44.57 36.93
N ALA D 93 -6.07 44.20 36.38
CA ALA D 93 -6.61 42.87 36.61
C ALA D 93 -5.94 41.85 35.69
N ARG D 94 -5.80 40.63 36.19
CA ARG D 94 -5.09 39.57 35.49
C ARG D 94 -5.96 38.33 35.40
N ILE D 95 -5.89 37.65 34.24
CA ILE D 95 -6.59 36.39 34.03
C ILE D 95 -5.59 35.35 33.54
N GLN D 96 -6.05 34.10 33.46
CA GLN D 96 -5.21 32.98 33.07
C GLN D 96 -5.97 32.12 32.07
N TYR D 97 -5.59 32.19 30.80
CA TYR D 97 -6.15 31.30 29.81
C TYR D 97 -5.56 29.89 29.94
N TYR D 98 -6.39 28.90 29.63
CA TYR D 98 -5.99 27.50 29.69
C TYR D 98 -6.80 26.70 28.69
N CYS D 99 -6.22 25.62 28.19
CA CYS D 99 -6.86 24.77 27.21
C CYS D 99 -7.34 23.48 27.86
N HIS D 100 -8.44 22.95 27.33
CA HIS D 100 -9.08 21.75 27.85
C HIS D 100 -8.17 20.54 27.58
N GLU D 101 -7.17 20.38 28.44
CA GLU D 101 -6.26 19.26 28.32
C GLU D 101 -6.90 17.99 28.87
N PRO D 102 -6.46 16.81 28.40
CA PRO D 102 -5.46 16.56 27.36
C PRO D 102 -6.08 16.60 25.97
N TYR D 103 -7.33 17.05 25.90
CA TYR D 103 -8.04 17.07 24.62
C TYR D 103 -7.45 18.12 23.70
N TYR D 104 -7.15 19.29 24.24
CA TYR D 104 -6.50 20.38 23.52
C TYR D 104 -5.34 20.88 24.36
N LYS D 105 -4.33 21.44 23.69
CA LYS D 105 -3.23 22.08 24.39
C LYS D 105 -2.89 23.39 23.70
N MET D 106 -2.36 24.33 24.47
CA MET D 106 -2.10 25.68 23.98
C MET D 106 -0.89 25.71 23.07
N GLN D 107 -0.98 26.52 22.01
CA GLN D 107 0.12 26.64 21.06
C GLN D 107 1.32 27.30 21.73
N THR D 108 2.50 26.73 21.52
CA THR D 108 3.72 27.19 22.16
C THR D 108 4.57 28.01 21.20
N ARG D 109 5.51 28.76 21.79
CA ARG D 109 6.46 29.55 21.02
C ARG D 109 7.89 29.25 21.46
N ALA D 110 8.14 29.37 22.76
CA ALA D 110 9.46 29.14 23.34
C ALA D 110 10.54 29.99 22.67
N GLU D 116 3.55 31.23 31.01
CA GLU D 116 3.46 32.68 30.89
C GLU D 116 2.80 33.09 29.58
N GLN D 117 2.59 32.12 28.69
CA GLN D 117 2.02 32.39 27.39
C GLN D 117 0.50 32.57 27.42
N GLY D 118 -0.16 32.17 28.50
CA GLY D 118 -1.61 32.26 28.60
C GLY D 118 -2.14 33.27 29.59
N VAL D 119 -1.31 34.15 30.12
CA VAL D 119 -1.74 35.14 31.11
C VAL D 119 -1.89 36.50 30.43
N TYR D 120 -3.08 37.07 30.50
CA TYR D 120 -3.34 38.41 30.01
C TYR D 120 -3.70 39.32 31.19
N THR D 121 -3.36 40.60 31.04
CA THR D 121 -3.63 41.59 32.07
C THR D 121 -4.32 42.80 31.45
N CYS D 122 -5.18 43.43 32.23
CA CYS D 122 -5.90 44.62 31.79
C CYS D 122 -4.95 45.81 31.80
N THR D 123 -4.58 46.29 30.61
CA THR D 123 -3.61 47.35 30.47
C THR D 123 -4.27 48.71 30.59
N ALA D 124 -3.46 49.77 30.53
CA ALA D 124 -3.97 51.13 30.65
C ALA D 124 -4.78 51.55 29.43
N GLN D 125 -4.57 50.90 28.29
CA GLN D 125 -5.34 51.23 27.08
C GLN D 125 -6.77 50.70 27.14
N GLY D 126 -7.09 49.86 28.11
CA GLY D 126 -8.41 49.26 28.19
C GLY D 126 -8.58 47.97 27.43
N ILE D 127 -7.50 47.23 27.19
CA ILE D 127 -7.55 45.97 26.47
C ILE D 127 -6.69 44.94 27.18
N TRP D 128 -7.09 43.68 27.06
CA TRP D 128 -6.34 42.57 27.64
C TRP D 128 -5.16 42.23 26.73
N LYS D 129 -3.95 42.30 27.29
CA LYS D 129 -2.74 42.02 26.52
C LYS D 129 -1.79 41.15 27.33
N ASN D 130 -0.80 40.59 26.63
CA ASN D 130 0.27 39.81 27.22
C ASN D 130 1.60 40.45 26.86
N GLU D 131 2.65 40.08 27.60
CA GLU D 131 3.99 40.55 27.29
C GLU D 131 4.39 40.17 25.86
N GLN D 132 4.30 38.90 25.53
CA GLN D 132 4.44 38.44 24.15
C GLN D 132 3.05 38.13 23.60
N LYS D 133 2.88 38.39 22.29
CA LYS D 133 1.59 38.25 21.63
C LYS D 133 0.55 39.14 22.30
N GLY D 134 0.43 40.38 21.82
CA GLY D 134 -0.33 41.42 22.52
C GLY D 134 -1.79 41.15 22.76
N GLU D 135 -2.65 41.66 21.87
CA GLU D 135 -4.08 41.68 22.15
C GLU D 135 -4.75 40.34 21.81
N LYS D 136 -4.30 39.66 20.76
CA LYS D 136 -4.99 38.46 20.31
C LYS D 136 -4.83 37.34 21.32
N ILE D 137 -5.89 36.53 21.45
CA ILE D 137 -5.99 35.46 22.42
C ILE D 137 -5.07 34.31 22.01
N PRO D 138 -4.73 33.38 22.92
CA PRO D 138 -3.97 32.19 22.50
C PRO D 138 -4.82 31.27 21.64
N ARG D 139 -4.27 30.12 21.26
CA ARG D 139 -4.94 29.20 20.35
C ARG D 139 -4.79 27.78 20.86
N CYS D 140 -5.90 27.18 21.26
CA CYS D 140 -5.91 25.79 21.73
C CYS D 140 -5.90 24.86 20.53
N LEU D 141 -4.91 23.96 20.50
CA LEU D 141 -4.75 23.07 19.35
C LEU D 141 -5.06 21.63 19.74
N PRO D 142 -5.59 20.82 18.82
CA PRO D 142 -5.92 19.44 19.13
C PRO D 142 -4.68 18.60 19.39
N VAL D 143 -4.89 17.47 20.07
CA VAL D 143 -3.83 16.51 20.39
C VAL D 143 -4.14 15.23 19.63
N CYS D 144 -3.27 14.88 18.67
CA CYS D 144 -3.53 13.76 17.79
C CYS D 144 -3.53 12.43 18.55
N GLY D 145 -2.37 11.99 19.01
CA GLY D 145 -2.28 10.76 19.78
C GLY D 145 -2.83 10.92 21.18
N LYS D 146 -2.30 10.11 22.11
CA LYS D 146 -2.62 10.20 23.53
C LYS D 146 -4.12 10.07 23.80
N PRO D 147 -4.71 8.89 23.61
CA PRO D 147 -6.10 8.71 24.05
C PRO D 147 -6.18 8.61 25.56
N VAL D 148 -7.34 8.96 26.09
CA VAL D 148 -7.49 9.00 27.55
C VAL D 148 -7.53 7.60 28.13
N ASN D 149 -8.25 6.68 27.48
CA ASN D 149 -8.37 5.30 27.93
C ASN D 149 -7.91 4.37 26.80
N PRO D 150 -6.60 4.21 26.64
CA PRO D 150 -6.11 3.27 25.62
C PRO D 150 -6.35 1.84 26.02
N VAL D 151 -6.25 0.95 25.04
CA VAL D 151 -6.52 -0.47 25.28
C VAL D 151 -5.40 -1.08 26.13
N GLU D 152 -5.73 -2.18 26.79
CA GLU D 152 -4.78 -2.83 27.69
C GLU D 152 -3.54 -3.29 26.92
N GLN D 153 -2.36 -3.00 27.50
CA GLN D 153 -1.11 -3.40 26.88
C GLN D 153 -0.75 -4.84 27.22
N ARG D 154 -1.11 -5.30 28.42
CA ARG D 154 -0.86 -6.68 28.82
C ARG D 154 -1.68 -7.65 27.98
N GLN D 155 -1.13 -8.07 26.85
CA GLN D 155 -1.84 -9.00 25.99
C GLN D 155 -1.78 -10.41 26.58
N ARG D 156 -2.92 -11.11 26.52
CA ARG D 156 -3.04 -12.47 27.03
C ARG D 156 -3.56 -13.37 25.93
N ILE D 157 -3.54 -14.68 26.19
CA ILE D 157 -4.24 -15.61 25.32
C ILE D 157 -5.74 -15.47 25.51
N ILE D 158 -6.18 -15.43 26.77
CA ILE D 158 -7.58 -15.23 27.10
C ILE D 158 -7.88 -13.74 27.02
N GLY D 159 -8.86 -13.37 26.19
CA GLY D 159 -9.23 -11.97 26.06
C GLY D 159 -10.19 -11.69 24.92
N GLY D 160 -11.09 -10.73 25.12
CA GLY D 160 -12.05 -10.36 24.10
C GLY D 160 -11.52 -9.26 23.19
N GLN D 161 -12.32 -8.95 22.16
CA GLN D 161 -11.95 -7.97 21.15
C GLN D 161 -12.98 -6.85 21.02
N LYS D 162 -13.90 -6.73 21.98
CA LYS D 162 -14.84 -5.62 21.99
C LYS D 162 -14.15 -4.35 22.44
N ALA D 163 -14.26 -3.30 21.64
CA ALA D 163 -13.63 -2.03 21.96
C ALA D 163 -14.47 -1.25 22.96
N LYS D 164 -13.82 -0.76 24.02
CA LYS D 164 -14.48 0.06 25.02
C LYS D 164 -14.40 1.53 24.64
N MET D 165 -15.13 2.36 25.38
CA MET D 165 -15.19 3.79 25.09
C MET D 165 -13.84 4.44 25.39
N GLY D 166 -13.23 5.05 24.38
CA GLY D 166 -11.97 5.75 24.54
C GLY D 166 -10.77 5.04 23.96
N ASN D 167 -10.88 3.75 23.63
CA ASN D 167 -9.73 3.03 23.08
C ASN D 167 -9.36 3.57 21.71
N PHE D 168 -10.35 3.73 20.83
CA PHE D 168 -10.14 4.18 19.46
C PHE D 168 -11.00 5.41 19.21
N PRO D 169 -10.67 6.55 19.83
CA PRO D 169 -11.52 7.74 19.70
C PRO D 169 -11.45 8.39 18.34
N TRP D 170 -10.49 7.99 17.49
CA TRP D 170 -10.39 8.51 16.14
C TRP D 170 -11.24 7.75 15.14
N GLN D 171 -11.74 6.57 15.49
CA GLN D 171 -12.56 5.77 14.58
C GLN D 171 -13.82 6.53 14.20
N VAL D 172 -14.09 6.59 12.90
CA VAL D 172 -15.30 7.22 12.39
C VAL D 172 -16.07 6.18 11.57
N PHE D 173 -17.35 6.46 11.36
CA PHE D 173 -18.25 5.55 10.65
C PHE D 173 -18.79 6.27 9.43
N THR D 174 -18.40 5.80 8.25
CA THR D 174 -18.87 6.36 6.98
C THR D 174 -19.87 5.41 6.33
N ASN D 175 -21.03 5.94 5.98
CA ASN D 175 -22.08 5.18 5.32
C ASN D 175 -22.39 5.87 3.98
N ILE D 176 -21.43 5.82 3.06
CA ILE D 176 -21.55 6.48 1.77
C ILE D 176 -22.33 5.58 0.83
N HIS D 177 -21.65 4.60 0.24
CA HIS D 177 -22.30 3.58 -0.58
C HIS D 177 -22.55 2.29 0.18
N GLY D 178 -21.79 2.03 1.24
CA GLY D 178 -21.98 0.86 2.08
C GLY D 178 -21.50 1.14 3.47
N ARG D 179 -20.83 0.16 4.07
CA ARG D 179 -20.27 0.29 5.41
C ARG D 179 -18.77 0.56 5.29
N GLY D 180 -18.33 1.70 5.82
CA GLY D 180 -16.93 2.08 5.76
C GLY D 180 -16.46 2.69 7.07
N GLY D 181 -15.21 3.14 7.06
CA GLY D 181 -14.63 3.75 8.24
C GLY D 181 -13.58 4.80 7.93
N GLY D 182 -12.80 5.17 8.95
CA GLY D 182 -11.77 6.17 8.78
C GLY D 182 -11.24 6.62 10.12
N ALA D 183 -10.42 7.67 10.08
CA ALA D 183 -9.84 8.23 11.29
C ALA D 183 -9.97 9.75 11.27
N LEU D 184 -10.04 10.33 12.47
CA LEU D 184 -10.15 11.77 12.62
C LEU D 184 -8.76 12.40 12.60
N LEU D 185 -8.61 13.47 11.83
CA LEU D 185 -7.38 14.25 11.79
C LEU D 185 -7.70 15.66 12.23
N GLY D 186 -7.05 16.12 13.29
CA GLY D 186 -7.42 17.40 13.87
C GLY D 186 -8.84 17.36 14.37
N ASP D 187 -9.58 18.43 14.10
CA ASP D 187 -11.00 18.47 14.42
C ASP D 187 -11.87 18.80 13.20
N ARG D 188 -11.31 18.69 11.99
CA ARG D 188 -12.05 19.02 10.78
C ARG D 188 -11.87 18.03 9.65
N TRP D 189 -10.98 17.04 9.79
CA TRP D 189 -10.57 16.23 8.65
C TRP D 189 -10.73 14.75 8.96
N ILE D 190 -11.23 14.02 7.97
CA ILE D 190 -11.46 12.58 8.06
C ILE D 190 -10.58 11.90 7.03
N LEU D 191 -9.65 11.08 7.50
CA LEU D 191 -8.81 10.26 6.63
C LEU D 191 -9.50 8.93 6.38
N THR D 192 -9.65 8.56 5.11
CA THR D 192 -10.35 7.34 4.75
C THR D 192 -9.86 6.86 3.39
N ALA D 193 -10.35 5.69 2.99
CA ALA D 193 -9.99 5.10 1.70
C ALA D 193 -10.85 5.68 0.58
N ALA D 194 -10.30 5.64 -0.64
CA ALA D 194 -10.97 6.27 -1.77
C ALA D 194 -12.13 5.43 -2.29
N HIS D 195 -11.99 4.10 -2.25
CA HIS D 195 -13.04 3.24 -2.80
C HIS D 195 -14.32 3.31 -1.98
N THR D 196 -14.24 3.77 -0.73
CA THR D 196 -15.46 4.02 0.04
C THR D 196 -16.29 5.14 -0.56
N LEU D 197 -15.65 6.03 -1.32
CA LEU D 197 -16.35 7.08 -2.06
C LEU D 197 -16.81 6.60 -3.44
N TYR D 198 -16.06 5.72 -4.07
CA TYR D 198 -16.33 5.28 -5.44
C TYR D 198 -16.49 3.77 -5.49
N PRO D 199 -17.69 3.25 -5.73
CA PRO D 199 -17.85 1.79 -5.84
C PRO D 199 -17.09 1.24 -7.03
N LYS D 200 -16.80 -0.07 -6.97
CA LYS D 200 -16.05 -0.72 -8.03
C LYS D 200 -16.96 -1.59 -8.88
N SER D 206 -26.92 5.03 -7.73
CA SER D 206 -25.50 5.00 -7.39
C SER D 206 -24.97 6.40 -7.07
N ASN D 207 -25.87 7.27 -6.60
CA ASN D 207 -25.49 8.63 -6.25
C ASN D 207 -24.87 8.66 -4.84
N ALA D 208 -24.21 9.77 -4.55
CA ALA D 208 -23.48 9.91 -3.29
C ALA D 208 -24.42 10.36 -2.17
N SER D 209 -23.92 10.25 -0.94
CA SER D 209 -24.68 10.64 0.24
C SER D 209 -23.74 10.93 1.41
N LEU D 210 -22.49 10.49 1.29
CA LEU D 210 -21.47 10.68 2.31
C LEU D 210 -21.91 10.11 3.65
N ASP D 211 -22.47 10.96 4.52
CA ASP D 211 -22.95 10.56 5.84
C ASP D 211 -21.81 10.03 6.70
N VAL D 212 -21.22 10.90 7.52
CA VAL D 212 -20.08 10.55 8.36
C VAL D 212 -20.52 10.61 9.82
N PHE D 213 -20.28 9.51 10.55
CA PHE D 213 -20.64 9.40 11.95
C PHE D 213 -19.38 9.10 12.76
N LEU D 214 -19.36 9.61 14.00
CA LEU D 214 -18.16 9.51 14.82
C LEU D 214 -18.48 9.92 16.25
N GLY D 215 -17.75 9.35 17.19
CA GLY D 215 -17.83 9.72 18.58
C GLY D 215 -18.40 8.69 19.54
N HIS D 216 -18.44 7.41 19.17
CA HIS D 216 -19.01 6.38 20.03
C HIS D 216 -18.65 5.03 19.43
N THR D 217 -18.91 3.96 20.18
CA THR D 217 -18.64 2.60 19.73
C THR D 217 -19.87 1.81 19.35
N ASN D 218 -21.06 2.26 19.75
CA ASN D 218 -22.32 1.64 19.36
C ASN D 218 -22.80 2.26 18.05
N VAL D 219 -23.09 1.40 17.07
CA VAL D 219 -23.59 1.88 15.78
C VAL D 219 -24.90 2.63 15.97
N GLU D 220 -25.73 2.17 16.92
CA GLU D 220 -26.96 2.89 17.22
C GLU D 220 -26.67 4.28 17.77
N GLU D 221 -25.68 4.40 18.67
CA GLU D 221 -25.43 5.67 19.33
C GLU D 221 -24.65 6.64 18.44
N LEU D 222 -23.81 6.11 17.54
CA LEU D 222 -23.15 6.98 16.57
C LEU D 222 -24.17 7.77 15.75
N MET D 223 -25.14 7.08 15.18
CA MET D 223 -26.14 7.75 14.36
C MET D 223 -27.02 8.67 15.19
N LYS D 224 -27.17 8.39 16.49
CA LYS D 224 -27.93 9.26 17.37
C LYS D 224 -27.13 10.49 17.81
N LEU D 225 -25.80 10.44 17.68
CA LEU D 225 -24.98 11.63 17.91
C LEU D 225 -25.06 12.63 16.76
N GLY D 226 -25.60 12.22 15.61
CA GLY D 226 -25.72 13.11 14.48
C GLY D 226 -24.59 12.96 13.48
N ASN D 227 -24.91 13.08 12.20
CA ASN D 227 -23.88 13.05 11.18
C ASN D 227 -23.10 14.36 11.17
N HIS D 228 -22.03 14.38 10.38
CA HIS D 228 -21.20 15.57 10.23
C HIS D 228 -21.10 15.91 8.74
N PRO D 229 -21.69 17.02 8.31
CA PRO D 229 -21.69 17.32 6.87
C PRO D 229 -20.28 17.61 6.36
N ILE D 230 -20.05 17.19 5.12
CA ILE D 230 -18.76 17.33 4.46
C ILE D 230 -18.78 18.57 3.58
N ARG D 231 -17.80 19.45 3.77
CA ARG D 231 -17.68 20.65 2.96
C ARG D 231 -16.97 20.40 1.64
N ARG D 232 -15.89 19.61 1.66
CA ARG D 232 -15.07 19.41 0.47
C ARG D 232 -14.41 18.04 0.56
N VAL D 233 -14.34 17.36 -0.58
CA VAL D 233 -13.76 16.03 -0.68
C VAL D 233 -12.47 16.13 -1.50
N SER D 234 -11.39 15.54 -0.98
CA SER D 234 -10.10 15.52 -1.66
C SER D 234 -9.69 14.07 -1.88
N VAL D 235 -9.75 13.63 -3.13
CA VAL D 235 -9.36 12.28 -3.52
C VAL D 235 -8.02 12.35 -4.22
N HIS D 236 -7.13 11.42 -3.90
CA HIS D 236 -5.80 11.45 -4.48
C HIS D 236 -5.87 11.10 -5.97
N PRO D 237 -5.12 11.81 -6.82
CA PRO D 237 -5.27 11.62 -8.27
C PRO D 237 -4.84 10.24 -8.77
N ASP D 238 -4.01 9.50 -8.03
CA ASP D 238 -3.54 8.21 -8.51
C ASP D 238 -4.63 7.15 -8.51
N TYR D 239 -5.70 7.35 -7.75
CA TYR D 239 -6.76 6.35 -7.66
C TYR D 239 -7.63 6.39 -8.91
N ARG D 240 -8.07 5.20 -9.35
CA ARG D 240 -8.92 5.07 -10.52
C ARG D 240 -10.10 4.16 -10.17
N GLN D 241 -11.31 4.68 -10.35
CA GLN D 241 -12.51 3.87 -10.09
C GLN D 241 -12.67 2.77 -11.13
N ASP D 242 -12.12 2.97 -12.34
CA ASP D 242 -12.36 2.02 -13.43
C ASP D 242 -11.65 0.70 -13.20
N GLU D 243 -10.33 0.74 -13.00
CA GLU D 243 -9.56 -0.48 -12.86
C GLU D 243 -10.03 -1.29 -11.66
N SER D 244 -10.55 -2.49 -11.94
CA SER D 244 -11.21 -3.28 -10.90
C SER D 244 -10.23 -3.72 -9.83
N TYR D 245 -9.10 -4.31 -10.23
CA TYR D 245 -8.14 -4.89 -9.29
C TYR D 245 -6.94 -3.96 -9.05
N ASN D 246 -7.15 -2.65 -9.09
CA ASN D 246 -6.10 -1.67 -8.91
C ASN D 246 -6.57 -0.61 -7.92
N PHE D 247 -6.03 -0.65 -6.70
CA PHE D 247 -6.32 0.34 -5.67
C PHE D 247 -5.09 1.16 -5.33
N GLU D 248 -4.31 1.53 -6.35
CA GLU D 248 -3.20 2.45 -6.14
C GLU D 248 -3.73 3.81 -5.72
N GLY D 249 -3.16 4.36 -4.66
CA GLY D 249 -3.62 5.64 -4.17
C GLY D 249 -4.98 5.60 -3.52
N ASP D 250 -5.32 4.48 -2.87
CA ASP D 250 -6.61 4.34 -2.17
C ASP D 250 -6.55 5.17 -0.90
N ILE D 251 -6.74 6.48 -1.07
CA ILE D 251 -6.66 7.42 0.05
C ILE D 251 -7.45 8.67 -0.33
N ALA D 252 -8.09 9.27 0.66
CA ALA D 252 -8.89 10.47 0.44
C ALA D 252 -9.09 11.20 1.76
N LEU D 253 -9.34 12.50 1.66
CA LEU D 253 -9.63 13.35 2.81
C LEU D 253 -11.05 13.89 2.72
N LEU D 254 -11.68 14.03 3.88
CA LEU D 254 -13.03 14.57 4.00
C LEU D 254 -12.99 15.75 4.95
N GLU D 255 -13.29 16.94 4.44
CA GLU D 255 -13.27 18.15 5.25
C GLU D 255 -14.62 18.32 5.91
N LEU D 256 -14.64 18.21 7.24
CA LEU D 256 -15.87 18.46 7.99
C LEU D 256 -16.20 19.95 7.95
N GLU D 257 -17.42 20.26 7.52
CA GLU D 257 -17.83 21.66 7.43
C GLU D 257 -17.83 22.33 8.81
N ASN D 258 -18.01 21.54 9.87
CA ASN D 258 -18.06 22.06 11.23
C ASN D 258 -17.04 21.32 12.08
N SER D 259 -16.26 22.07 12.86
CA SER D 259 -15.28 21.46 13.74
C SER D 259 -15.97 20.68 14.84
N VAL D 260 -15.44 19.50 15.14
CA VAL D 260 -15.96 18.66 16.23
C VAL D 260 -15.25 19.05 17.52
N THR D 261 -16.01 19.06 18.62
CA THR D 261 -15.45 19.36 19.92
C THR D 261 -14.87 18.08 20.51
N LEU D 262 -13.55 18.04 20.66
CA LEU D 262 -12.88 16.82 21.06
C LEU D 262 -13.20 16.47 22.52
N GLY D 263 -13.47 15.19 22.76
CA GLY D 263 -13.69 14.70 24.09
C GLY D 263 -12.89 13.44 24.34
N PRO D 264 -13.21 12.73 25.44
CA PRO D 264 -12.50 11.47 25.71
C PRO D 264 -12.83 10.38 24.71
N ASN D 265 -14.02 10.43 24.11
CA ASN D 265 -14.47 9.42 23.17
C ASN D 265 -14.29 9.86 21.72
N LEU D 266 -13.60 10.98 21.51
CA LEU D 266 -13.44 11.54 20.16
C LEU D 266 -12.14 12.35 20.15
N LEU D 267 -11.06 11.73 19.67
CA LEU D 267 -9.76 12.36 19.59
C LEU D 267 -9.14 12.07 18.23
N PRO D 268 -8.24 12.93 17.76
CA PRO D 268 -7.61 12.70 16.46
C PRO D 268 -6.65 11.52 16.45
N ILE D 269 -5.80 11.46 15.43
CA ILE D 269 -4.74 10.47 15.34
C ILE D 269 -3.56 11.11 14.63
N CYS D 270 -2.35 10.68 14.98
CA CYS D 270 -1.15 11.29 14.45
C CYS D 270 -0.81 10.69 13.09
N LEU D 271 0.11 11.35 12.38
CA LEU D 271 0.57 10.85 11.10
C LEU D 271 1.97 10.27 11.22
N PRO D 272 2.32 9.31 10.36
CA PRO D 272 3.69 8.75 10.41
C PRO D 272 4.72 9.80 10.03
N ASP D 273 5.87 9.74 10.71
CA ASP D 273 6.97 10.66 10.47
C ASP D 273 8.16 10.01 9.78
N ASN D 274 8.68 8.91 10.32
CA ASN D 274 9.77 8.16 9.71
C ASN D 274 9.27 6.79 9.26
N ASP D 275 10.12 6.09 8.50
CA ASP D 275 9.74 4.83 7.89
C ASP D 275 9.91 3.65 8.85
N THR D 276 10.34 3.88 10.09
CA THR D 276 10.44 2.80 11.05
C THR D 276 9.08 2.24 11.44
N PHE D 277 8.00 2.95 11.13
CA PHE D 277 6.65 2.50 11.43
C PHE D 277 6.19 1.38 10.51
N TYR D 278 7.01 0.94 9.55
CA TYR D 278 6.63 -0.08 8.60
C TYR D 278 7.58 -1.27 8.62
N ASP D 279 8.49 -1.35 9.60
CA ASP D 279 9.39 -2.48 9.70
C ASP D 279 8.61 -3.76 9.97
N LEU D 280 9.06 -4.87 9.39
CA LEU D 280 8.39 -6.15 9.56
C LEU D 280 8.37 -6.54 11.03
N GLY D 281 7.16 -6.64 11.60
CA GLY D 281 7.02 -7.08 12.97
C GLY D 281 6.20 -6.16 13.85
N LEU D 282 6.05 -4.91 13.46
CA LEU D 282 5.27 -3.97 14.25
C LEU D 282 3.82 -4.43 14.35
N MET D 283 3.22 -4.20 15.51
CA MET D 283 1.89 -4.69 15.83
C MET D 283 0.92 -3.51 15.74
N GLY D 284 0.09 -3.50 14.70
CA GLY D 284 -0.88 -2.44 14.54
C GLY D 284 -2.30 -2.89 14.85
N TYR D 285 -3.17 -1.94 15.17
CA TYR D 285 -4.55 -2.24 15.52
C TYR D 285 -5.47 -1.82 14.37
N VAL D 286 -6.44 -2.67 14.06
CA VAL D 286 -7.38 -2.45 12.96
C VAL D 286 -8.77 -2.56 13.57
N SER D 287 -9.42 -1.42 13.79
CA SER D 287 -10.74 -1.37 14.40
C SER D 287 -11.81 -1.24 13.33
N GLY D 288 -12.90 -1.99 13.50
CA GLY D 288 -14.01 -1.94 12.57
C GLY D 288 -15.31 -2.32 13.24
N PHE D 289 -16.40 -2.02 12.55
CA PHE D 289 -17.75 -2.33 13.05
C PHE D 289 -18.25 -3.63 12.40
N GLY D 290 -17.55 -4.71 12.72
CA GLY D 290 -17.90 -6.02 12.19
C GLY D 290 -17.32 -6.29 10.82
N ALA D 297 -21.73 -6.85 14.23
CA ALA D 297 -21.80 -5.68 13.37
C ALA D 297 -22.52 -4.53 14.07
N HIS D 298 -22.81 -4.72 15.35
CA HIS D 298 -23.55 -3.73 16.14
C HIS D 298 -22.67 -2.85 17.01
N ASP D 299 -21.47 -3.31 17.38
CA ASP D 299 -20.54 -2.52 18.17
C ASP D 299 -19.16 -2.56 17.51
N LEU D 300 -18.24 -1.78 18.07
CA LEU D 300 -16.89 -1.67 17.54
C LEU D 300 -16.01 -2.79 18.06
N ARG D 301 -15.25 -3.42 17.17
CA ARG D 301 -14.29 -4.45 17.52
C ARG D 301 -12.93 -4.07 16.97
N PHE D 302 -11.89 -4.77 17.43
CA PHE D 302 -10.53 -4.48 17.02
C PHE D 302 -9.70 -5.75 17.04
N VAL D 303 -8.63 -5.75 16.26
CA VAL D 303 -7.68 -6.85 16.19
C VAL D 303 -6.27 -6.27 16.21
N ARG D 304 -5.29 -7.15 16.41
CA ARG D 304 -3.88 -6.80 16.34
C ARG D 304 -3.24 -7.65 15.24
N LEU D 305 -2.70 -6.99 14.22
CA LEU D 305 -2.15 -7.66 13.06
C LEU D 305 -0.70 -7.25 12.84
N PRO D 306 0.20 -8.20 12.65
CA PRO D 306 1.60 -7.84 12.37
C PRO D 306 1.80 -7.56 10.89
N VAL D 307 2.50 -6.46 10.59
CA VAL D 307 2.87 -6.16 9.21
C VAL D 307 3.84 -7.22 8.71
N ALA D 308 3.67 -7.62 7.45
CA ALA D 308 4.31 -8.81 6.90
C ALA D 308 5.28 -8.44 5.79
N ASN D 309 5.90 -9.47 5.23
CA ASN D 309 6.88 -9.29 4.17
C ASN D 309 6.18 -8.97 2.85
N PRO D 310 6.55 -7.87 2.19
CA PRO D 310 5.95 -7.58 0.88
C PRO D 310 6.20 -8.67 -0.16
N GLN D 311 7.30 -9.42 -0.05
CA GLN D 311 7.54 -10.51 -0.99
C GLN D 311 6.77 -11.76 -0.61
N ALA D 312 6.62 -12.03 0.70
CA ALA D 312 5.81 -13.15 1.13
C ALA D 312 4.35 -12.95 0.74
N CYS D 313 3.87 -11.71 0.84
CA CYS D 313 2.51 -11.41 0.37
C CYS D 313 2.44 -11.47 -1.15
N GLU D 314 3.54 -11.16 -1.83
CA GLU D 314 3.56 -11.23 -3.29
C GLU D 314 3.42 -12.67 -3.77
N ASN D 315 4.22 -13.58 -3.20
CA ASN D 315 4.14 -14.98 -3.59
C ASN D 315 2.79 -15.58 -3.21
N TRP D 316 2.28 -15.23 -2.02
CA TRP D 316 0.95 -15.68 -1.62
C TRP D 316 -0.12 -15.20 -2.60
N LEU D 317 -0.13 -13.90 -2.89
CA LEU D 317 -1.19 -13.34 -3.71
C LEU D 317 -1.08 -13.81 -5.15
N ARG D 318 0.14 -13.94 -5.68
CA ARG D 318 0.32 -14.45 -7.03
C ARG D 318 0.19 -15.97 -7.11
N GLY D 319 0.43 -16.67 -6.00
CA GLY D 319 0.17 -18.10 -5.97
C GLY D 319 -1.30 -18.42 -6.13
N LYS D 320 -2.17 -17.54 -5.66
CA LYS D 320 -3.62 -17.68 -5.83
C LYS D 320 -4.10 -17.08 -7.14
N ASN D 321 -3.19 -16.85 -8.09
CA ASN D 321 -3.53 -16.41 -9.45
C ASN D 321 -4.27 -15.07 -9.44
N ARG D 322 -3.89 -14.18 -8.52
CA ARG D 322 -4.52 -12.87 -8.40
C ARG D 322 -3.76 -11.83 -9.20
N MET D 323 -4.50 -10.91 -9.81
CA MET D 323 -3.92 -9.84 -10.61
C MET D 323 -3.85 -8.52 -9.85
N ASP D 324 -4.07 -8.55 -8.55
CA ASP D 324 -4.10 -7.33 -7.76
C ASP D 324 -2.72 -6.66 -7.74
N VAL D 325 -2.73 -5.33 -7.69
CA VAL D 325 -1.51 -4.54 -7.69
C VAL D 325 -1.01 -4.41 -6.25
N PHE D 326 0.31 -4.51 -6.07
CA PHE D 326 0.94 -4.42 -4.74
C PHE D 326 2.24 -3.65 -4.92
N SER D 327 2.17 -2.33 -4.69
CA SER D 327 3.27 -1.42 -4.94
C SER D 327 3.93 -0.99 -3.63
N GLN D 328 4.97 -0.17 -3.75
CA GLN D 328 5.66 0.35 -2.58
C GLN D 328 4.80 1.34 -1.79
N ASN D 329 3.76 1.89 -2.42
CA ASN D 329 2.79 2.73 -1.73
C ASN D 329 1.80 1.92 -0.91
N MET D 330 2.02 0.62 -0.78
CA MET D 330 1.14 -0.28 -0.05
C MET D 330 1.97 -1.10 0.92
N PHE D 331 1.29 -1.75 1.86
CA PHE D 331 1.92 -2.76 2.70
C PHE D 331 0.85 -3.76 3.12
N CYS D 332 1.31 -4.92 3.58
CA CYS D 332 0.42 -6.02 3.94
C CYS D 332 0.68 -6.44 5.39
N ALA D 333 -0.39 -6.75 6.10
CA ALA D 333 -0.33 -7.20 7.48
C ALA D 333 -1.05 -8.55 7.61
N GLY D 334 -0.91 -9.17 8.77
CA GLY D 334 -1.52 -10.45 9.00
C GLY D 334 -0.64 -11.61 8.58
N HIS D 335 -1.27 -12.79 8.52
CA HIS D 335 -0.56 -14.00 8.14
C HIS D 335 -1.58 -15.07 7.80
N PRO D 336 -1.33 -15.93 6.82
CA PRO D 336 -2.33 -16.95 6.47
C PRO D 336 -2.62 -17.93 7.59
N SER D 337 -1.71 -18.10 8.56
CA SER D 337 -1.96 -19.00 9.67
C SER D 337 -2.98 -18.45 10.66
N LEU D 338 -3.30 -17.17 10.58
CA LEU D 338 -4.34 -16.60 11.42
C LEU D 338 -5.69 -17.19 11.03
N LYS D 339 -6.37 -17.82 11.98
CA LYS D 339 -7.55 -18.63 11.67
C LYS D 339 -8.83 -17.83 11.52
N GLN D 340 -8.79 -16.50 11.62
CA GLN D 340 -9.97 -15.69 11.36
C GLN D 340 -9.76 -14.88 10.10
N ASP D 341 -10.88 -14.47 9.48
CA ASP D 341 -10.86 -13.88 8.16
C ASP D 341 -10.09 -12.55 8.16
N ALA D 342 -9.84 -12.05 6.95
CA ALA D 342 -8.97 -10.89 6.76
C ALA D 342 -9.73 -9.63 6.33
N CYS D 343 -11.05 -9.61 6.51
CA CYS D 343 -11.84 -8.41 6.27
C CYS D 343 -12.34 -7.82 7.59
N GLN D 344 -11.47 -7.84 8.60
CA GLN D 344 -11.82 -7.44 9.96
C GLN D 344 -12.24 -5.97 10.04
N GLY D 345 -11.27 -5.06 9.98
CA GLY D 345 -11.57 -3.67 10.10
C GLY D 345 -12.33 -3.12 8.91
N ASP D 346 -13.06 -2.03 9.16
CA ASP D 346 -13.87 -1.43 8.11
C ASP D 346 -13.00 -0.79 7.04
N ALA D 347 -13.45 -0.88 5.80
CA ALA D 347 -12.76 -0.24 4.70
C ALA D 347 -12.77 1.28 4.89
N GLY D 348 -11.57 1.88 4.88
CA GLY D 348 -11.40 3.29 5.15
C GLY D 348 -10.75 3.57 6.50
N GLY D 349 -10.96 2.69 7.47
CA GLY D 349 -10.29 2.82 8.75
C GLY D 349 -8.78 2.73 8.59
N VAL D 350 -8.09 3.05 9.68
CA VAL D 350 -6.63 3.17 9.65
C VAL D 350 -5.99 2.01 10.39
N PHE D 351 -4.71 1.80 10.10
CA PHE D 351 -3.88 0.78 10.73
C PHE D 351 -3.12 1.47 11.86
N ALA D 352 -3.78 1.60 13.00
CA ALA D 352 -3.23 2.38 14.11
C ALA D 352 -2.08 1.64 14.77
N VAL D 353 -0.97 2.35 14.99
CA VAL D 353 0.21 1.84 15.65
C VAL D 353 0.65 2.83 16.71
N ARG D 354 0.82 2.36 17.94
CA ARG D 354 1.32 3.22 19.01
C ARG D 354 2.84 3.17 19.05
N ASP D 355 3.46 4.33 19.20
CA ASP D 355 4.91 4.43 19.29
C ASP D 355 5.31 4.21 20.75
N PRO D 356 6.02 3.13 21.08
CA PRO D 356 6.36 2.89 22.48
C PRO D 356 7.26 3.94 23.09
N ASN D 357 7.91 4.77 22.27
CA ASN D 357 8.78 5.82 22.80
C ASN D 357 7.98 7.04 23.25
N THR D 358 7.06 7.50 22.41
CA THR D 358 6.25 8.68 22.71
C THR D 358 4.86 8.32 23.21
N ASP D 359 4.48 7.04 23.19
CA ASP D 359 3.17 6.58 23.66
C ASP D 359 2.02 7.27 22.91
N ARG D 360 2.27 7.63 21.65
CA ARG D 360 1.26 8.24 20.79
C ARG D 360 0.88 7.28 19.68
N TRP D 361 -0.31 7.52 19.11
CA TRP D 361 -0.89 6.64 18.10
C TRP D 361 -0.82 7.31 16.74
N VAL D 362 -0.22 6.62 15.77
CA VAL D 362 -0.10 7.11 14.40
C VAL D 362 -0.88 6.18 13.48
N ALA D 363 -1.40 6.75 12.39
CA ALA D 363 -2.16 6.00 11.39
C ALA D 363 -1.19 5.63 10.27
N THR D 364 -0.57 4.46 10.40
CA THR D 364 0.44 4.04 9.43
C THR D 364 -0.20 3.54 8.13
N GLY D 365 -1.41 2.99 8.19
CA GLY D 365 -2.04 2.45 7.00
C GLY D 365 -3.51 2.80 6.95
N ILE D 366 -4.14 2.43 5.84
CA ILE D 366 -5.57 2.59 5.64
C ILE D 366 -6.10 1.29 5.05
N VAL D 367 -7.17 0.75 5.67
CA VAL D 367 -7.78 -0.50 5.21
C VAL D 367 -8.22 -0.35 3.76
N SER D 368 -7.43 -0.91 2.84
CA SER D 368 -7.65 -0.72 1.41
C SER D 368 -8.35 -1.90 0.76
N TRP D 369 -7.72 -3.07 0.72
CA TRP D 369 -8.30 -4.19 0.00
C TRP D 369 -7.71 -5.51 0.49
N GLY D 370 -8.29 -6.59 -0.02
CA GLY D 370 -7.79 -7.92 0.22
C GLY D 370 -8.32 -8.85 -0.85
N ILE D 371 -8.44 -10.12 -0.50
CA ILE D 371 -9.02 -11.10 -1.41
C ILE D 371 -10.38 -11.55 -0.86
N GLY D 372 -11.42 -10.80 -1.21
CA GLY D 372 -12.74 -11.06 -0.68
C GLY D 372 -12.76 -10.96 0.83
N CYS D 373 -12.85 -12.11 1.50
CA CYS D 373 -12.75 -12.17 2.96
C CYS D 373 -12.48 -13.60 3.41
N SER D 374 -11.21 -14.02 3.37
CA SER D 374 -10.81 -15.34 3.79
C SER D 374 -9.52 -15.24 4.60
N ARG D 375 -9.00 -16.38 5.04
CA ARG D 375 -7.74 -16.40 5.75
C ARG D 375 -6.60 -16.00 4.82
N GLY D 376 -5.75 -15.11 5.30
CA GLY D 376 -4.63 -14.64 4.49
C GLY D 376 -4.16 -13.28 4.97
N TYR D 377 -3.59 -12.52 4.04
CA TYR D 377 -3.03 -11.22 4.34
C TYR D 377 -4.05 -10.11 4.09
N GLY D 378 -3.85 -8.98 4.78
CA GLY D 378 -4.63 -7.79 4.57
C GLY D 378 -3.77 -6.65 4.05
N PHE D 379 -4.23 -5.98 3.00
CA PHE D 379 -3.43 -4.99 2.29
C PHE D 379 -3.89 -3.58 2.66
N TYR D 380 -2.92 -2.69 2.88
CA TYR D 380 -3.18 -1.35 3.38
C TYR D 380 -2.47 -0.32 2.52
N THR D 381 -2.88 0.92 2.65
CA THR D 381 -2.26 2.04 1.95
C THR D 381 -1.20 2.68 2.85
N LYS D 382 0.04 2.64 2.42
CA LYS D 382 1.15 3.21 3.20
C LYS D 382 0.98 4.71 3.28
N VAL D 383 0.47 5.19 4.43
CA VAL D 383 0.13 6.60 4.58
C VAL D 383 1.36 7.49 4.51
N LEU D 384 2.53 6.95 4.88
CA LEU D 384 3.74 7.77 4.94
C LEU D 384 4.06 8.43 3.61
N ASN D 385 3.82 7.73 2.51
CA ASN D 385 4.08 8.30 1.19
C ASN D 385 3.08 9.38 0.82
N TYR D 386 2.00 9.55 1.58
CA TYR D 386 0.98 10.53 1.29
C TYR D 386 0.91 11.62 2.36
N VAL D 387 1.84 11.61 3.32
CA VAL D 387 1.86 12.64 4.36
C VAL D 387 2.02 14.02 3.74
N ASP D 388 2.88 14.13 2.70
CA ASP D 388 3.02 15.39 2.00
C ASP D 388 1.71 15.78 1.32
N TRP D 389 0.95 14.80 0.83
CA TRP D 389 -0.33 15.10 0.20
C TRP D 389 -1.36 15.53 1.24
N ILE D 390 -1.44 14.80 2.35
CA ILE D 390 -2.44 15.09 3.37
C ILE D 390 -2.22 16.47 3.96
N LYS D 391 -0.97 16.81 4.25
CA LYS D 391 -0.68 18.16 4.76
C LYS D 391 -0.98 19.23 3.72
N LYS D 392 -0.93 18.88 2.43
CA LYS D 392 -1.19 19.86 1.39
C LYS D 392 -2.67 20.19 1.31
N GLU D 393 -3.53 19.16 1.31
CA GLU D 393 -4.96 19.39 1.16
C GLU D 393 -5.57 20.01 2.40
N MET D 394 -4.96 19.79 3.57
CA MET D 394 -5.49 20.39 4.80
C MET D 394 -5.22 21.88 4.85
N GLU D 395 -4.05 22.31 4.38
CA GLU D 395 -3.74 23.74 4.40
C GLU D 395 -4.54 24.52 3.36
N GLU D 396 -5.02 23.85 2.32
CA GLU D 396 -5.80 24.52 1.28
C GLU D 396 -7.20 24.88 1.78
#